data_8BY6
#
_entry.id   8BY6
#
_cell.length_a   1.00
_cell.length_b   1.00
_cell.length_c   1.00
_cell.angle_alpha   90.00
_cell.angle_beta   90.00
_cell.angle_gamma   90.00
#
_symmetry.space_group_name_H-M   'P 1'
#
loop_
_entity.id
_entity.type
_entity.pdbx_description
1 polymer 'Nuclear cap-binding protein subunit 1'
2 polymer 'Nuclear cap-binding protein subunit 2'
3 polymer 'Nuclear cap-binding protein subunit 3'
4 non-polymer "7-METHYL-GUANOSINE-5'-TRIPHOSPHATE-5'-GUANOSINE"
#
loop_
_entity_poly.entity_id
_entity_poly.type
_entity_poly.pdbx_seq_one_letter_code
_entity_poly.pdbx_strand_id
1 'polypeptide(L)'
;MKTSDANETEDHLESLICKVGEKSACSLESNLEGLAGVLEADLPNYKSKILRLLCTVARLLPEKLTIYTTLVGLLNARNY
NFGGEFVEAMIRQLKESLKANNYNEAVYLVRFLSDLVNCHVIAAPSMVAMFENFVSVTQEEDVPQVRRDWYVYAFLSSLP
WVGKELYEKKDAEMDRIFANTESYLKRRQKTHVPMLQVWTADKPHPQEEYLDCLWAQIQKLKKDRWQERHILRPYLAFDS
ILCEALQHNLPPFTPPPHTEDSVYPMPRVIFRMFDYTDDPEGPVMPGSHSVERFVIEENLHCIIKSHWKERKTCAAQLVS
YPGKNKIPLNYHIVEVIFAELFQLPAPPHIDVMYTTLLIELCKLQPGSLPQVLAQATEMLYMRLDTMNTTCVDRFINWFS
HHLSNFQFRWSWEDWSDCLSQDPESPKPKFVREVLEKCMRLSYHQRILDIVPPTFSALCPVNPTCIYKYGDESSNSLPGH
SVALCLAVAFKSKATNDEIFSILKDVPNPNQDDDDDEGFSFNPLKIEVFVQTLLHLAAKSFSHSFSALAKFHEVFKTLAE
SDEGKLHVLRVMFEVWRNHPQMIAVLVDKMIRTQIVDCAAVANWIFSSELSRDFTRLFVWEILHSTIRKMNKHVLKIQKE
LEEAKEKLARQHKRRSDDDDRSSDRKDGVLEEQIERLQEKVESAQSEQKNLFLVIFQRFIMILTEHLVRCETDGTSVLTP
WYKNCIERLQQIFLQHHQIIQQYMVTLENLLFTAELDPHILAVFQQFCALQA
;
A
2 'polypeptide(L)'
;GAMSGGLLKALRSDSYVELSQYRDQHFRGDNEEQEKLLKKSCTLYVGNLSFYTTEEQIYELFSKSGDIKKIIMGLDKMKK
TACGFCFVEYYSRADAENAMRYINGTRLDDRIIRTDWDAGFKEGRQYGRGRSGGQVRDEYRQDYDAGRGGYGKLAQNQ
;
B
3 'polypeptide(L)' KKVDHRAPGAEEDDSELQRAWGALIKEKEQSRQKKSRLDNLPSLQIEVSRESSSGSEAES C
#
loop_
_chem_comp.id
_chem_comp.type
_chem_comp.name
_chem_comp.formula
GTG non-polymer 7-METHYL-GUANOSINE-5'-TRIPHOSPHATE-5'-GUANOSINE 'C21 H30 N10 O18 P3 1'
#
# COMPACT_ATOMS: atom_id res chain seq x y z
N ASN A 7 27.81 -20.51 -17.36
CA ASN A 7 27.27 -19.56 -16.35
C ASN A 7 27.92 -18.19 -16.55
N GLU A 8 29.25 -18.15 -16.74
CA GLU A 8 30.01 -16.90 -16.95
C GLU A 8 29.39 -16.20 -18.16
N THR A 9 29.32 -16.89 -19.31
CA THR A 9 28.76 -16.35 -20.58
C THR A 9 27.34 -15.81 -20.33
N GLU A 10 26.57 -16.52 -19.49
CA GLU A 10 25.17 -16.17 -19.13
C GLU A 10 25.15 -14.83 -18.39
N ASP A 11 25.76 -14.77 -17.19
CA ASP A 11 25.80 -13.55 -16.34
C ASP A 11 26.34 -12.40 -17.19
N HIS A 12 27.46 -12.60 -17.90
CA HIS A 12 28.10 -11.58 -18.76
C HIS A 12 27.07 -11.03 -19.74
N LEU A 13 26.50 -11.90 -20.59
CA LEU A 13 25.51 -11.48 -21.60
C LEU A 13 24.38 -10.69 -20.92
N GLU A 14 23.82 -11.20 -19.82
CA GLU A 14 22.71 -10.53 -19.09
C GLU A 14 23.13 -9.10 -18.75
N SER A 15 24.21 -8.92 -17.99
CA SER A 15 24.71 -7.58 -17.58
C SER A 15 24.86 -6.69 -18.81
N LEU A 16 25.51 -7.21 -19.86
CA LEU A 16 25.76 -6.50 -21.14
C LEU A 16 24.45 -5.95 -21.71
N ILE A 17 23.44 -6.82 -21.90
CA ILE A 17 22.12 -6.48 -22.49
C ILE A 17 21.37 -5.49 -21.61
N CYS A 18 21.53 -5.55 -20.29
CA CYS A 18 20.83 -4.66 -19.34
C CYS A 18 21.60 -3.35 -19.11
N LYS A 19 22.82 -3.24 -19.62
CA LYS A 19 23.67 -2.02 -19.46
C LYS A 19 23.15 -0.92 -20.39
N VAL A 20 22.64 -1.25 -21.57
CA VAL A 20 22.23 -0.23 -22.53
C VAL A 20 21.05 0.53 -21.98
N GLY A 21 21.18 1.87 -21.96
CA GLY A 21 20.14 2.73 -21.44
C GLY A 21 20.64 3.60 -20.31
N GLU A 22 21.50 3.04 -19.46
CA GLU A 22 22.02 3.80 -18.33
C GLU A 22 22.91 4.94 -18.83
N LYS A 23 22.94 6.03 -18.06
CA LYS A 23 23.70 7.21 -18.47
C LYS A 23 25.17 6.84 -18.66
N SER A 24 25.71 7.20 -19.82
CA SER A 24 27.10 6.86 -20.14
C SER A 24 27.72 8.01 -20.91
N ALA A 25 29.05 8.06 -20.86
CA ALA A 25 29.78 9.11 -21.59
C ALA A 25 29.54 8.99 -23.09
N CYS A 26 29.57 7.76 -23.62
CA CYS A 26 29.31 7.56 -25.03
C CYS A 26 27.83 7.74 -25.33
N SER A 27 27.55 8.26 -26.53
CA SER A 27 26.17 8.49 -26.94
C SER A 27 25.43 7.15 -27.05
N LEU A 28 24.12 7.21 -26.79
CA LEU A 28 23.31 5.99 -26.77
C LEU A 28 23.46 5.21 -28.07
N GLU A 29 23.58 5.90 -29.20
CA GLU A 29 23.67 5.22 -30.48
C GLU A 29 24.93 4.36 -30.54
N SER A 30 26.06 4.87 -30.07
CA SER A 30 27.30 4.10 -30.11
C SER A 30 27.19 2.84 -29.26
N ASN A 31 26.64 2.96 -28.06
CA ASN A 31 26.49 1.78 -27.21
C ASN A 31 25.53 0.78 -27.83
N LEU A 32 24.45 1.25 -28.45
CA LEU A 32 23.53 0.34 -29.11
C LEU A 32 24.22 -0.41 -30.25
N GLU A 33 24.99 0.31 -31.07
CA GLU A 33 25.69 -0.34 -32.17
C GLU A 33 26.69 -1.36 -31.66
N GLY A 34 27.46 -1.01 -30.62
CA GLY A 34 28.40 -1.94 -30.05
C GLY A 34 27.73 -3.18 -29.48
N LEU A 35 26.60 -2.98 -28.80
CA LEU A 35 25.89 -4.11 -28.21
C LEU A 35 25.35 -5.03 -29.29
N ALA A 36 24.80 -4.46 -30.36
CA ALA A 36 24.32 -5.28 -31.46
C ALA A 36 25.45 -6.06 -32.10
N GLY A 37 26.59 -5.42 -32.31
CA GLY A 37 27.74 -6.13 -32.86
C GLY A 37 28.20 -7.25 -31.96
N VAL A 38 28.25 -7.01 -30.65
CA VAL A 38 28.68 -8.04 -29.71
C VAL A 38 27.72 -9.23 -29.75
N LEU A 39 26.41 -8.94 -29.75
CA LEU A 39 25.44 -10.03 -29.79
C LEU A 39 25.56 -10.83 -31.08
N GLU A 40 25.76 -10.15 -32.21
CA GLU A 40 25.92 -10.87 -33.46
C GLU A 40 27.18 -11.73 -33.44
N ALA A 41 28.24 -11.23 -32.79
CA ALA A 41 29.50 -11.99 -32.74
C ALA A 41 29.29 -13.33 -32.05
N ASP A 42 28.56 -13.34 -30.93
CA ASP A 42 28.26 -14.56 -30.19
C ASP A 42 26.91 -15.14 -30.59
N LEU A 43 26.42 -14.82 -31.78
CA LEU A 43 25.10 -15.29 -32.18
C LEU A 43 25.01 -16.81 -32.29
N PRO A 44 25.95 -17.51 -32.94
CA PRO A 44 25.67 -18.91 -33.32
C PRO A 44 25.76 -19.90 -32.17
N ASN A 45 26.26 -19.50 -30.99
CA ASN A 45 26.35 -20.41 -29.85
C ASN A 45 25.31 -20.13 -28.78
N TYR A 46 24.62 -19.00 -28.83
CA TYR A 46 23.67 -18.59 -27.79
C TYR A 46 22.42 -18.00 -28.41
N LYS A 47 21.92 -18.62 -29.46
CA LYS A 47 20.71 -18.11 -30.12
C LYS A 47 19.53 -18.13 -29.16
N SER A 48 19.26 -19.28 -28.56
CA SER A 48 18.12 -19.41 -27.64
C SER A 48 18.29 -18.50 -26.44
N LYS A 49 19.50 -18.45 -25.89
CA LYS A 49 19.76 -17.61 -24.73
C LYS A 49 19.52 -16.14 -25.07
N ILE A 50 20.01 -15.70 -26.23
CA ILE A 50 19.84 -14.30 -26.62
C ILE A 50 18.36 -13.99 -26.81
N LEU A 51 17.62 -14.89 -27.48
CA LEU A 51 16.20 -14.66 -27.72
C LEU A 51 15.46 -14.55 -26.39
N ARG A 52 15.74 -15.46 -25.46
CA ARG A 52 15.05 -15.45 -24.18
C ARG A 52 15.39 -14.19 -23.39
N LEU A 53 16.66 -13.79 -23.40
CA LEU A 53 17.07 -12.58 -22.69
C LEU A 53 16.36 -11.35 -23.26
N LEU A 54 16.30 -11.25 -24.58
CA LEU A 54 15.63 -10.11 -25.20
C LEU A 54 14.14 -10.12 -24.87
N CYS A 55 13.53 -11.30 -24.88
CA CYS A 55 12.11 -11.39 -24.55
C CYS A 55 11.86 -10.92 -23.13
N THR A 56 12.62 -11.44 -22.16
CA THR A 56 12.39 -11.07 -20.78
C THR A 56 12.70 -9.59 -20.53
N VAL A 57 13.68 -9.05 -21.25
CA VAL A 57 13.95 -7.61 -21.15
C VAL A 57 12.83 -6.77 -21.74
N ALA A 58 12.24 -7.18 -22.85
CA ALA A 58 11.07 -6.51 -23.39
C ALA A 58 9.88 -6.59 -22.46
N ARG A 59 9.78 -7.68 -21.71
CA ARG A 59 8.64 -7.88 -20.81
C ARG A 59 8.79 -7.15 -19.48
N LEU A 60 10.01 -6.97 -19.00
CA LEU A 60 10.24 -6.47 -17.65
C LEU A 60 10.80 -5.06 -17.58
N LEU A 61 11.18 -4.46 -18.70
CA LEU A 61 11.73 -3.09 -18.73
C LEU A 61 11.00 -2.27 -19.79
N PRO A 62 9.70 -2.03 -19.59
CA PRO A 62 8.97 -1.19 -20.56
C PRO A 62 9.49 0.23 -20.64
N GLU A 63 10.03 0.78 -19.55
CA GLU A 63 10.47 2.18 -19.58
C GLU A 63 11.60 2.38 -20.58
N LYS A 64 12.39 1.34 -20.83
CA LYS A 64 13.48 1.40 -21.80
C LYS A 64 13.04 0.93 -23.19
N LEU A 65 11.74 0.77 -23.41
CA LEU A 65 11.22 0.08 -24.59
C LEU A 65 11.99 0.46 -25.86
N THR A 66 11.90 1.73 -26.25
CA THR A 66 12.41 2.14 -27.55
C THR A 66 13.84 1.65 -27.74
N ILE A 67 14.68 1.84 -26.71
CA ILE A 67 16.08 1.41 -26.82
C ILE A 67 16.13 -0.03 -27.30
N TYR A 68 15.61 -0.94 -26.48
CA TYR A 68 15.68 -2.35 -26.85
C TYR A 68 15.06 -2.57 -28.21
N THR A 69 13.96 -1.87 -28.51
CA THR A 69 13.34 -2.01 -29.81
C THR A 69 14.37 -1.83 -30.92
N THR A 70 14.99 -0.66 -30.94
CA THR A 70 16.06 -0.32 -31.88
C THR A 70 17.03 -1.49 -31.97
N LEU A 71 17.50 -1.94 -30.81
CA LEU A 71 18.50 -2.99 -30.73
C LEU A 71 18.08 -4.19 -31.57
N VAL A 72 16.84 -4.65 -31.38
CA VAL A 72 16.34 -5.76 -32.17
C VAL A 72 16.44 -5.43 -33.65
N GLY A 73 16.02 -4.22 -34.02
CA GLY A 73 16.15 -3.83 -35.42
C GLY A 73 17.56 -3.95 -35.91
N LEU A 74 18.52 -3.49 -35.11
CA LEU A 74 19.92 -3.61 -35.51
C LEU A 74 20.30 -5.06 -35.73
N LEU A 75 19.81 -5.95 -34.86
CA LEU A 75 20.05 -7.37 -35.07
C LEU A 75 19.34 -7.87 -36.31
N ASN A 76 18.12 -7.38 -36.56
CA ASN A 76 17.40 -7.79 -37.76
C ASN A 76 18.05 -7.23 -39.02
N ALA A 77 18.69 -6.07 -38.92
CA ALA A 77 19.39 -5.50 -40.06
C ALA A 77 20.57 -6.34 -40.50
N ARG A 78 21.01 -7.29 -39.68
CA ARG A 78 22.13 -8.15 -40.02
C ARG A 78 21.74 -9.61 -40.19
N ASN A 79 20.74 -10.11 -39.46
CA ASN A 79 20.32 -11.50 -39.55
C ASN A 79 18.80 -11.55 -39.65
N TYR A 80 18.30 -11.85 -40.84
CA TYR A 80 16.85 -11.98 -41.04
C TYR A 80 16.28 -13.11 -40.19
N ASN A 81 16.98 -14.25 -40.16
CA ASN A 81 16.48 -15.40 -39.40
C ASN A 81 16.35 -15.06 -37.93
N PHE A 82 17.29 -14.28 -37.38
CA PHE A 82 17.17 -13.87 -35.99
C PHE A 82 15.92 -13.03 -35.77
N GLY A 83 15.63 -12.11 -36.68
CA GLY A 83 14.43 -11.31 -36.55
C GLY A 83 13.17 -12.16 -36.58
N GLY A 84 13.12 -13.12 -37.51
CA GLY A 84 11.95 -13.99 -37.58
C GLY A 84 11.77 -14.81 -36.32
N GLU A 85 12.85 -15.42 -35.84
CA GLU A 85 12.77 -16.22 -34.61
C GLU A 85 12.37 -15.36 -33.43
N PHE A 86 12.90 -14.14 -33.35
CA PHE A 86 12.56 -13.24 -32.25
C PHE A 86 11.08 -12.85 -32.30
N VAL A 87 10.56 -12.59 -33.50
CA VAL A 87 9.14 -12.27 -33.63
C VAL A 87 8.29 -13.44 -33.19
N GLU A 88 8.65 -14.65 -33.61
CA GLU A 88 7.90 -15.84 -33.18
C GLU A 88 7.95 -16.00 -31.67
N ALA A 89 9.13 -15.78 -31.08
CA ALA A 89 9.27 -15.88 -29.63
C ALA A 89 8.40 -14.86 -28.92
N MET A 90 8.34 -13.63 -29.45
CA MET A 90 7.48 -12.61 -28.86
C MET A 90 6.02 -13.00 -28.94
N ILE A 91 5.58 -13.54 -30.08
CA ILE A 91 4.20 -13.98 -30.20
C ILE A 91 3.91 -15.07 -29.19
N ARG A 92 4.82 -16.04 -29.05
CA ARG A 92 4.62 -17.13 -28.11
C ARG A 92 4.56 -16.62 -26.67
N GLN A 93 5.46 -15.70 -26.32
CA GLN A 93 5.46 -15.15 -24.96
C GLN A 93 4.19 -14.36 -24.69
N LEU A 94 3.71 -13.59 -25.67
CA LEU A 94 2.46 -12.87 -25.51
C LEU A 94 1.30 -13.82 -25.30
N LYS A 95 1.25 -14.90 -26.08
CA LYS A 95 0.19 -15.89 -25.91
C LYS A 95 0.26 -16.51 -24.53
N GLU A 96 1.47 -16.85 -24.06
CA GLU A 96 1.63 -17.42 -22.73
C GLU A 96 1.13 -16.44 -21.67
N SER A 97 1.48 -15.16 -21.80
CA SER A 97 1.05 -14.17 -20.83
C SER A 97 -0.47 -14.04 -20.81
N LEU A 98 -1.09 -14.03 -21.99
CA LEU A 98 -2.54 -13.94 -22.04
C LEU A 98 -3.18 -15.17 -21.38
N LYS A 99 -2.66 -16.36 -21.69
CA LYS A 99 -3.15 -17.56 -21.03
C LYS A 99 -2.84 -17.58 -19.54
N ALA A 100 -1.74 -16.95 -19.12
CA ALA A 100 -1.37 -16.89 -17.72
C ALA A 100 -2.22 -15.91 -16.93
N ASN A 101 -3.13 -15.19 -17.58
CA ASN A 101 -4.07 -14.26 -16.97
C ASN A 101 -3.40 -13.01 -16.42
N ASN A 102 -2.13 -12.79 -16.75
CA ASN A 102 -1.48 -11.51 -16.47
C ASN A 102 -1.47 -10.70 -17.76
N TYR A 103 -1.80 -9.42 -17.65
CA TYR A 103 -2.11 -8.60 -18.82
C TYR A 103 -1.27 -7.33 -18.93
N ASN A 104 -0.68 -6.86 -17.85
CA ASN A 104 0.26 -5.73 -17.97
C ASN A 104 1.45 -6.13 -18.82
N GLU A 105 1.99 -7.32 -18.59
CA GLU A 105 3.06 -7.81 -19.45
C GLU A 105 2.59 -7.94 -20.88
N ALA A 106 1.33 -8.34 -21.09
CA ALA A 106 0.79 -8.41 -22.44
C ALA A 106 0.78 -7.03 -23.09
N VAL A 107 0.41 -6.00 -22.33
CA VAL A 107 0.42 -4.64 -22.87
C VAL A 107 1.84 -4.24 -23.25
N TYR A 108 2.81 -4.53 -22.39
CA TYR A 108 4.18 -4.15 -22.68
C TYR A 108 4.72 -4.88 -23.90
N LEU A 109 4.38 -6.17 -24.04
CA LEU A 109 4.82 -6.92 -25.22
C LEU A 109 4.14 -6.41 -26.48
N VAL A 110 2.87 -6.04 -26.41
CA VAL A 110 2.19 -5.48 -27.56
C VAL A 110 2.84 -4.16 -27.96
N ARG A 111 3.21 -3.35 -26.97
CA ARG A 111 3.90 -2.09 -27.25
C ARG A 111 5.26 -2.34 -27.89
N PHE A 112 5.99 -3.35 -27.40
CA PHE A 112 7.27 -3.70 -28.00
C PHE A 112 7.09 -4.11 -29.45
N LEU A 113 6.10 -4.94 -29.74
CA LEU A 113 5.82 -5.31 -31.13
C LEU A 113 5.47 -4.08 -31.95
N SER A 114 4.65 -3.19 -31.41
CA SER A 114 4.27 -2.00 -32.16
C SER A 114 5.48 -1.17 -32.51
N ASP A 115 6.38 -0.96 -31.55
CA ASP A 115 7.58 -0.18 -31.83
C ASP A 115 8.52 -0.90 -32.77
N LEU A 116 8.46 -2.24 -32.82
CA LEU A 116 9.30 -2.97 -33.75
C LEU A 116 8.98 -2.61 -35.19
N VAL A 117 7.75 -2.15 -35.45
CA VAL A 117 7.39 -1.72 -36.81
C VAL A 117 8.25 -0.54 -37.23
N ASN A 118 8.50 0.40 -36.31
CA ASN A 118 9.33 1.55 -36.64
C ASN A 118 10.76 1.14 -37.00
N CYS A 119 11.26 0.08 -36.37
CA CYS A 119 12.61 -0.42 -36.66
C CYS A 119 12.66 -1.30 -37.90
N HIS A 120 11.60 -1.31 -38.70
CA HIS A 120 11.55 -2.10 -39.94
C HIS A 120 11.83 -3.57 -39.65
N VAL A 121 11.28 -4.07 -38.56
CA VAL A 121 11.34 -5.47 -38.20
C VAL A 121 10.07 -6.20 -38.59
N ILE A 122 8.91 -5.62 -38.28
CA ILE A 122 7.62 -6.18 -38.63
C ILE A 122 6.98 -5.31 -39.70
N ALA A 123 6.39 -5.94 -40.70
CA ALA A 123 5.68 -5.21 -41.74
C ALA A 123 4.44 -4.54 -41.15
N ALA A 124 4.15 -3.34 -41.66
CA ALA A 124 2.98 -2.60 -41.19
C ALA A 124 1.67 -3.34 -41.44
N PRO A 125 1.40 -3.88 -42.63
CA PRO A 125 0.09 -4.51 -42.86
C PRO A 125 -0.25 -5.62 -41.87
N SER A 126 0.74 -6.44 -41.52
CA SER A 126 0.48 -7.52 -40.56
C SER A 126 0.06 -6.96 -39.21
N MET A 127 0.70 -5.89 -38.77
CA MET A 127 0.35 -5.32 -37.47
C MET A 127 -0.98 -4.58 -37.54
N VAL A 128 -1.31 -4.00 -38.69
CA VAL A 128 -2.64 -3.44 -38.86
C VAL A 128 -3.69 -4.53 -38.73
N ALA A 129 -3.43 -5.70 -39.31
CA ALA A 129 -4.36 -6.82 -39.17
C ALA A 129 -4.46 -7.26 -37.70
N MET A 130 -3.33 -7.32 -37.01
CA MET A 130 -3.34 -7.72 -35.60
C MET A 130 -4.17 -6.75 -34.76
N PHE A 131 -3.97 -5.44 -34.97
CA PHE A 131 -4.78 -4.46 -34.25
C PHE A 131 -6.23 -4.51 -34.67
N GLU A 132 -6.51 -4.86 -35.93
CA GLU A 132 -7.89 -5.04 -36.36
C GLU A 132 -8.55 -6.16 -35.58
N ASN A 133 -7.84 -7.26 -35.37
CA ASN A 133 -8.38 -8.35 -34.54
C ASN A 133 -8.57 -7.88 -33.10
N PHE A 134 -7.60 -7.14 -32.57
CA PHE A 134 -7.73 -6.58 -31.23
C PHE A 134 -9.04 -5.80 -31.09
N VAL A 135 -9.31 -4.92 -32.05
CA VAL A 135 -10.51 -4.08 -31.96
C VAL A 135 -11.76 -4.93 -32.20
N SER A 136 -11.70 -5.87 -33.13
CA SER A 136 -12.84 -6.73 -33.40
C SER A 136 -13.21 -7.57 -32.20
N VAL A 137 -12.27 -7.80 -31.28
CA VAL A 137 -12.61 -8.46 -30.03
C VAL A 137 -13.74 -7.74 -29.32
N THR A 138 -13.92 -6.44 -29.56
CA THR A 138 -15.03 -5.70 -28.97
C THR A 138 -16.38 -6.09 -29.55
N GLN A 139 -16.40 -6.86 -30.63
CA GLN A 139 -17.65 -7.32 -31.23
C GLN A 139 -18.11 -8.65 -30.66
N GLU A 140 -17.38 -9.23 -29.72
CA GLU A 140 -17.78 -10.50 -29.14
C GLU A 140 -19.06 -10.34 -28.33
N GLU A 141 -19.82 -11.44 -28.25
CA GLU A 141 -21.09 -11.44 -27.55
C GLU A 141 -20.98 -12.25 -26.27
N ASP A 142 -21.70 -11.82 -25.24
CA ASP A 142 -21.69 -12.47 -23.92
C ASP A 142 -20.26 -12.53 -23.39
N VAL A 143 -19.68 -11.36 -23.15
CA VAL A 143 -18.27 -11.25 -22.77
C VAL A 143 -18.09 -10.08 -21.83
N PRO A 144 -17.25 -10.24 -20.82
CA PRO A 144 -17.03 -9.13 -19.87
C PRO A 144 -16.52 -7.88 -20.58
N GLN A 145 -16.99 -6.72 -20.09
CA GLN A 145 -16.52 -5.46 -20.66
C GLN A 145 -15.06 -5.20 -20.33
N VAL A 146 -14.54 -5.82 -19.26
CA VAL A 146 -13.16 -5.58 -18.88
C VAL A 146 -12.21 -6.06 -19.96
N ARG A 147 -12.53 -7.17 -20.62
CA ARG A 147 -11.62 -7.71 -21.62
C ARG A 147 -11.61 -6.85 -22.88
N ARG A 148 -12.80 -6.42 -23.34
CA ARG A 148 -12.85 -5.51 -24.48
C ARG A 148 -12.12 -4.21 -24.15
N ASP A 149 -12.32 -3.70 -22.93
CA ASP A 149 -11.63 -2.50 -22.50
C ASP A 149 -10.12 -2.70 -22.55
N TRP A 150 -9.63 -3.85 -22.08
CA TRP A 150 -8.19 -4.07 -22.10
C TRP A 150 -7.67 -4.17 -23.53
N TYR A 151 -8.40 -4.82 -24.42
CA TYR A 151 -7.91 -4.94 -25.79
C TYR A 151 -7.83 -3.57 -26.46
N VAL A 152 -8.88 -2.75 -26.28
CA VAL A 152 -8.85 -1.40 -26.85
C VAL A 152 -7.75 -0.59 -26.19
N TYR A 153 -7.52 -0.79 -24.88
CA TYR A 153 -6.44 -0.07 -24.21
C TYR A 153 -5.09 -0.44 -24.76
N ALA A 154 -4.86 -1.74 -25.01
CA ALA A 154 -3.59 -2.16 -25.59
C ALA A 154 -3.39 -1.53 -26.96
N PHE A 155 -4.44 -1.53 -27.79
CA PHE A 155 -4.34 -0.90 -29.10
C PHE A 155 -3.99 0.58 -28.98
N LEU A 156 -4.76 1.32 -28.17
CA LEU A 156 -4.58 2.76 -28.10
C LEU A 156 -3.27 3.14 -27.43
N SER A 157 -2.77 2.32 -26.51
CA SER A 157 -1.49 2.59 -25.88
C SER A 157 -0.32 2.27 -26.81
N SER A 158 -0.47 1.26 -27.66
CA SER A 158 0.54 1.03 -28.68
C SER A 158 0.55 2.15 -29.71
N LEU A 159 -0.61 2.77 -29.96
CA LEU A 159 -0.69 3.81 -30.99
C LEU A 159 0.34 4.92 -30.85
N PRO A 160 0.57 5.50 -29.66
CA PRO A 160 1.53 6.61 -29.59
C PRO A 160 2.90 6.29 -30.16
N TRP A 161 3.22 5.01 -30.37
CA TRP A 161 4.54 4.60 -30.79
C TRP A 161 4.63 4.26 -32.28
N VAL A 162 3.56 3.73 -32.87
CA VAL A 162 3.62 3.23 -34.24
C VAL A 162 2.50 3.83 -35.09
N GLY A 163 1.81 4.82 -34.53
CA GLY A 163 0.65 5.37 -35.23
C GLY A 163 1.02 6.05 -36.53
N LYS A 164 2.11 6.81 -36.52
CA LYS A 164 2.54 7.49 -37.74
C LYS A 164 2.76 6.50 -38.87
N GLU A 165 3.55 5.45 -38.61
CA GLU A 165 3.84 4.46 -39.65
C GLU A 165 2.57 3.74 -40.08
N LEU A 166 1.75 3.30 -39.12
CA LEU A 166 0.56 2.55 -39.48
C LEU A 166 -0.39 3.38 -40.33
N TYR A 167 -0.56 4.66 -39.97
CA TYR A 167 -1.44 5.52 -40.75
C TYR A 167 -0.85 5.81 -42.13
N GLU A 168 0.46 6.03 -42.21
CA GLU A 168 1.08 6.29 -43.50
C GLU A 168 0.95 5.09 -44.43
N LYS A 169 1.00 3.88 -43.89
CA LYS A 169 0.98 2.69 -44.73
C LYS A 169 -0.43 2.23 -45.08
N LYS A 170 -1.34 2.20 -44.11
CA LYS A 170 -2.67 1.60 -44.26
C LYS A 170 -3.75 2.54 -43.73
N ASP A 171 -3.73 3.78 -44.20
CA ASP A 171 -4.62 4.80 -43.67
C ASP A 171 -6.08 4.34 -43.67
N ALA A 172 -6.51 3.64 -44.73
CA ALA A 172 -7.91 3.25 -44.81
C ALA A 172 -8.29 2.26 -43.72
N GLU A 173 -7.51 1.19 -43.58
CA GLU A 173 -7.81 0.20 -42.55
C GLU A 173 -7.68 0.79 -41.15
N MET A 174 -6.69 1.67 -40.95
CA MET A 174 -6.55 2.32 -39.65
C MET A 174 -7.76 3.21 -39.36
N ASP A 175 -8.28 3.90 -40.36
CA ASP A 175 -9.48 4.70 -40.17
C ASP A 175 -10.67 3.82 -39.81
N ARG A 176 -10.80 2.67 -40.48
CA ARG A 176 -11.89 1.74 -40.13
C ARG A 176 -11.75 1.24 -38.70
N ILE A 177 -10.52 0.93 -38.29
CA ILE A 177 -10.28 0.47 -36.92
C ILE A 177 -10.65 1.57 -35.93
N PHE A 178 -10.27 2.82 -36.24
CA PHE A 178 -10.64 3.93 -35.39
C PHE A 178 -12.15 4.08 -35.29
N ALA A 179 -12.85 3.91 -36.41
CA ALA A 179 -14.31 3.99 -36.37
C ALA A 179 -14.90 2.93 -35.47
N ASN A 180 -14.38 1.69 -35.55
CA ASN A 180 -14.86 0.63 -34.67
C ASN A 180 -14.57 0.96 -33.21
N THR A 181 -13.37 1.49 -32.92
CA THR A 181 -13.02 1.82 -31.55
C THR A 181 -13.92 2.92 -31.01
N GLU A 182 -14.21 3.94 -31.81
CA GLU A 182 -15.13 4.99 -31.39
C GLU A 182 -16.52 4.42 -31.15
N SER A 183 -16.98 3.55 -32.04
CA SER A 183 -18.29 2.95 -31.85
C SER A 183 -18.36 2.19 -30.53
N TYR A 184 -17.31 1.44 -30.20
CA TYR A 184 -17.30 0.73 -28.93
C TYR A 184 -17.28 1.70 -27.75
N LEU A 185 -16.37 2.68 -27.78
CA LEU A 185 -16.24 3.61 -26.66
C LEU A 185 -17.50 4.43 -26.44
N LYS A 186 -18.32 4.62 -27.47
CA LYS A 186 -19.57 5.36 -27.30
C LYS A 186 -20.52 4.64 -26.35
N ARG A 187 -20.61 3.31 -26.47
CA ARG A 187 -21.63 2.54 -25.77
C ARG A 187 -21.05 1.77 -24.58
N ARG A 188 -20.03 2.30 -23.93
CA ARG A 188 -19.46 1.67 -22.76
C ARG A 188 -20.24 2.06 -21.51
N GLN A 189 -20.04 1.27 -20.46
CA GLN A 189 -20.69 1.49 -19.16
C GLN A 189 -19.70 2.22 -18.25
N LYS A 190 -20.12 3.36 -17.71
CA LYS A 190 -19.31 4.14 -16.80
C LYS A 190 -19.77 4.02 -15.35
N THR A 191 -20.49 2.95 -15.02
CA THR A 191 -21.01 2.79 -13.67
C THR A 191 -19.88 2.76 -12.65
N HIS A 192 -18.70 2.26 -13.03
CA HIS A 192 -17.62 2.06 -12.09
C HIS A 192 -16.85 3.34 -11.77
N VAL A 193 -17.08 4.42 -12.50
CA VAL A 193 -16.27 5.63 -12.32
C VAL A 193 -16.40 6.21 -10.92
N PRO A 194 -17.60 6.49 -10.40
CA PRO A 194 -17.69 7.16 -9.10
C PRO A 194 -17.03 6.40 -7.97
N MET A 195 -17.02 5.07 -8.04
CA MET A 195 -16.34 4.28 -7.01
C MET A 195 -14.84 4.48 -7.04
N LEU A 196 -14.25 4.78 -8.20
CA LEU A 196 -12.81 4.85 -8.34
C LEU A 196 -12.25 6.26 -8.37
N GLN A 197 -13.10 7.27 -8.57
CA GLN A 197 -12.62 8.65 -8.62
C GLN A 197 -12.06 9.08 -7.28
N VAL A 198 -10.89 9.71 -7.30
CA VAL A 198 -10.35 10.30 -6.08
C VAL A 198 -11.18 11.52 -5.68
N TRP A 199 -11.50 12.38 -6.64
CA TRP A 199 -12.30 13.57 -6.41
C TRP A 199 -13.57 13.49 -7.25
N THR A 200 -14.71 13.78 -6.64
CA THR A 200 -15.97 13.81 -7.37
C THR A 200 -16.19 15.15 -8.08
N ALA A 201 -15.47 16.20 -7.68
CA ALA A 201 -15.67 17.51 -8.27
C ALA A 201 -15.20 17.53 -9.71
N ASP A 202 -15.92 18.29 -10.54
CA ASP A 202 -15.58 18.45 -11.95
C ASP A 202 -14.49 19.47 -12.19
N LYS A 203 -14.11 20.24 -11.16
CA LYS A 203 -13.08 21.26 -11.28
C LYS A 203 -12.07 21.10 -10.15
N PRO A 204 -10.82 21.51 -10.38
CA PRO A 204 -10.29 22.10 -11.61
C PRO A 204 -9.80 21.06 -12.60
N HIS A 205 -9.88 19.78 -12.23
CA HIS A 205 -9.39 18.70 -13.06
C HIS A 205 -10.34 17.50 -12.95
N PRO A 206 -11.17 17.24 -13.95
CA PRO A 206 -12.03 16.05 -13.88
C PRO A 206 -11.20 14.78 -13.78
N GLN A 207 -11.67 13.84 -12.95
CA GLN A 207 -11.05 12.52 -12.83
C GLN A 207 -11.71 11.60 -13.84
N GLU A 208 -11.33 11.78 -15.10
CA GLU A 208 -11.96 11.06 -16.20
C GLU A 208 -11.42 9.64 -16.30
N GLU A 209 -12.24 8.76 -16.87
CA GLU A 209 -11.88 7.36 -17.01
C GLU A 209 -10.65 7.20 -17.90
N TYR A 210 -9.89 6.14 -17.64
CA TYR A 210 -8.61 5.96 -18.34
C TYR A 210 -8.81 5.78 -19.84
N LEU A 211 -9.84 5.02 -20.24
CA LEU A 211 -10.06 4.79 -21.66
C LEU A 211 -10.52 6.08 -22.35
N ASP A 212 -11.40 6.84 -21.70
CA ASP A 212 -11.84 8.11 -22.27
C ASP A 212 -10.67 9.08 -22.40
N CYS A 213 -9.83 9.17 -21.37
CA CYS A 213 -8.67 10.03 -21.45
C CYS A 213 -7.76 9.61 -22.59
N LEU A 214 -7.47 8.32 -22.69
CA LEU A 214 -6.58 7.84 -23.74
C LEU A 214 -7.16 8.10 -25.12
N TRP A 215 -8.47 7.92 -25.29
CA TRP A 215 -9.10 8.19 -26.58
C TRP A 215 -8.99 9.66 -26.93
N ALA A 216 -9.20 10.55 -25.94
CA ALA A 216 -9.07 11.97 -26.20
C ALA A 216 -7.64 12.32 -26.63
N GLN A 217 -6.65 11.77 -25.92
CA GLN A 217 -5.26 12.05 -26.29
C GLN A 217 -4.92 11.51 -27.67
N ILE A 218 -5.40 10.33 -28.02
CA ILE A 218 -5.13 9.77 -29.34
C ILE A 218 -5.77 10.64 -30.41
N GLN A 219 -6.98 11.12 -30.17
CA GLN A 219 -7.61 12.03 -31.13
C GLN A 219 -6.82 13.33 -31.27
N LYS A 220 -6.34 13.88 -30.17
CA LYS A 220 -5.54 15.10 -30.28
C LYS A 220 -4.27 14.85 -31.08
N LEU A 221 -3.63 13.70 -30.84
CA LEU A 221 -2.44 13.34 -31.61
C LEU A 221 -2.75 13.18 -33.09
N LYS A 222 -3.88 12.54 -33.40
CA LYS A 222 -4.27 12.38 -34.80
C LYS A 222 -4.52 13.73 -35.46
N LYS A 223 -5.16 14.65 -34.74
CA LYS A 223 -5.33 16.00 -35.26
C LYS A 223 -3.99 16.69 -35.50
N ASP A 224 -2.97 16.35 -34.70
CA ASP A 224 -1.64 16.94 -34.84
C ASP A 224 -0.78 16.20 -35.85
N ARG A 225 -1.39 15.44 -36.75
CA ARG A 225 -0.65 14.68 -37.77
C ARG A 225 0.36 13.72 -37.13
N TRP A 226 0.02 13.19 -35.96
CA TRP A 226 0.82 12.19 -35.27
C TRP A 226 2.21 12.71 -34.89
N GLN A 227 2.38 14.02 -34.82
CA GLN A 227 3.67 14.62 -34.48
C GLN A 227 3.74 14.74 -32.96
N GLU A 228 4.55 13.90 -32.33
CA GLU A 228 4.73 13.90 -30.89
C GLU A 228 6.16 14.32 -30.55
N ARG A 229 6.32 14.85 -29.33
CA ARG A 229 7.55 15.54 -28.96
C ARG A 229 8.20 14.97 -27.70
N HIS A 230 7.87 13.76 -27.30
CA HIS A 230 8.47 13.23 -26.07
C HIS A 230 9.23 11.93 -26.26
N ILE A 231 8.65 10.93 -26.90
CA ILE A 231 9.25 9.60 -26.92
C ILE A 231 10.61 9.65 -27.60
N LEU A 232 11.60 9.03 -26.97
CA LEU A 232 12.90 8.87 -27.60
C LEU A 232 12.80 7.89 -28.76
N ARG A 233 13.45 8.22 -29.87
CA ARG A 233 13.45 7.38 -31.06
C ARG A 233 14.89 7.18 -31.52
N PRO A 234 15.66 6.36 -30.80
CA PRO A 234 17.06 6.14 -31.20
C PRO A 234 17.21 5.60 -32.62
N TYR A 235 16.28 4.75 -33.06
CA TYR A 235 16.41 4.16 -34.39
C TYR A 235 16.44 5.20 -35.49
N LEU A 236 15.92 6.40 -35.24
CA LEU A 236 16.02 7.46 -36.24
C LEU A 236 17.47 7.73 -36.60
N ALA A 237 18.36 7.72 -35.61
CA ALA A 237 19.77 7.97 -35.86
C ALA A 237 20.37 6.92 -36.79
N PHE A 238 19.74 5.76 -36.92
CA PHE A 238 20.19 4.70 -37.81
C PHE A 238 19.31 4.60 -39.06
N ASP A 239 18.71 5.72 -39.48
CA ASP A 239 17.79 5.74 -40.61
C ASP A 239 18.31 4.90 -41.77
N SER A 240 19.61 5.01 -42.07
CA SER A 240 20.18 4.24 -43.18
C SER A 240 20.14 2.75 -42.87
N ILE A 241 20.91 2.31 -41.89
CA ILE A 241 21.09 0.88 -41.50
C ILE A 241 19.74 0.16 -41.46
N LEU A 242 18.79 0.66 -40.68
CA LEU A 242 17.46 0.04 -40.43
C LEU A 242 16.57 0.05 -41.67
N CYS A 243 16.82 0.92 -42.65
CA CYS A 243 15.94 1.04 -43.85
C CYS A 243 16.20 -0.09 -44.86
N GLU A 244 17.44 -0.60 -44.98
CA GLU A 244 17.71 -1.70 -45.89
C GLU A 244 17.33 -3.05 -45.33
N ALA A 245 16.96 -3.13 -44.05
CA ALA A 245 16.57 -4.39 -43.46
C ALA A 245 15.26 -4.89 -44.05
N LEU A 246 15.16 -6.20 -44.19
CA LEU A 246 13.96 -6.83 -44.73
C LEU A 246 12.94 -7.04 -43.62
N GLN A 247 11.69 -6.70 -43.90
CA GLN A 247 10.65 -6.70 -42.88
C GLN A 247 10.04 -8.09 -42.73
N HIS A 248 9.73 -8.44 -41.48
CA HIS A 248 9.06 -9.71 -41.18
C HIS A 248 7.55 -9.51 -41.17
N ASN A 249 6.84 -10.62 -41.29
CA ASN A 249 5.38 -10.63 -41.30
C ASN A 249 4.87 -11.42 -40.10
N LEU A 250 3.98 -10.81 -39.33
CA LEU A 250 3.39 -11.50 -38.20
C LEU A 250 2.43 -12.59 -38.69
N PRO A 251 2.22 -13.64 -37.90
CA PRO A 251 1.23 -14.64 -38.27
C PRO A 251 -0.15 -14.20 -37.84
N PRO A 252 -1.21 -14.58 -38.55
CA PRO A 252 -2.55 -14.20 -38.13
C PRO A 252 -2.79 -14.53 -36.66
N PHE A 253 -2.95 -13.49 -35.84
CA PHE A 253 -3.07 -13.66 -34.40
C PHE A 253 -4.54 -13.65 -34.02
N THR A 254 -5.00 -14.74 -33.41
CA THR A 254 -6.34 -14.79 -32.85
C THR A 254 -6.24 -14.74 -31.34
N PRO A 255 -7.03 -13.90 -30.66
CA PRO A 255 -6.86 -13.78 -29.22
C PRO A 255 -7.36 -15.03 -28.50
N PRO A 256 -6.75 -15.40 -27.38
CA PRO A 256 -7.22 -16.58 -26.67
C PRO A 256 -8.69 -16.47 -26.33
N PRO A 257 -9.47 -17.54 -26.53
CA PRO A 257 -10.91 -17.44 -26.28
C PRO A 257 -11.18 -17.18 -24.81
N HIS A 258 -12.27 -16.47 -24.54
CA HIS A 258 -12.65 -16.18 -23.17
C HIS A 258 -12.94 -17.47 -22.42
N THR A 259 -12.40 -17.58 -21.21
CA THR A 259 -12.61 -18.75 -20.37
C THR A 259 -13.02 -18.28 -18.98
N GLU A 260 -13.83 -19.10 -18.31
CA GLU A 260 -14.32 -18.73 -16.98
C GLU A 260 -13.18 -18.51 -16.00
N ASP A 261 -12.00 -19.06 -16.27
CA ASP A 261 -10.84 -18.83 -15.41
C ASP A 261 -10.10 -17.54 -15.74
N SER A 262 -10.52 -16.83 -16.78
CA SER A 262 -9.83 -15.60 -17.17
C SER A 262 -10.15 -14.47 -16.21
N VAL A 263 -9.10 -13.74 -15.82
CA VAL A 263 -9.24 -12.54 -14.99
C VAL A 263 -8.57 -11.39 -15.74
N TYR A 264 -9.26 -10.25 -15.84
CA TYR A 264 -8.75 -9.13 -16.61
C TYR A 264 -8.48 -7.94 -15.69
N PRO A 265 -7.54 -7.06 -16.05
CA PRO A 265 -7.26 -5.90 -15.20
C PRO A 265 -8.50 -5.04 -15.03
N MET A 266 -8.64 -4.47 -13.85
CA MET A 266 -9.81 -3.67 -13.54
C MET A 266 -9.65 -2.25 -14.09
N PRO A 267 -10.75 -1.54 -14.31
CA PRO A 267 -10.66 -0.18 -14.85
C PRO A 267 -10.07 0.77 -13.83
N ARG A 268 -9.46 1.84 -14.33
CA ARG A 268 -8.83 2.83 -13.49
C ARG A 268 -9.20 4.23 -13.97
N VAL A 269 -9.11 5.18 -13.06
CA VAL A 269 -9.44 6.58 -13.32
C VAL A 269 -8.17 7.40 -13.20
N ILE A 270 -7.91 8.24 -14.21
CA ILE A 270 -6.65 8.97 -14.26
C ILE A 270 -6.62 10.03 -13.17
N PHE A 271 -5.55 10.02 -12.37
CA PHE A 271 -5.39 10.95 -11.26
C PHE A 271 -4.77 12.23 -11.79
N ARG A 272 -5.60 13.24 -12.01
CA ARG A 272 -5.13 14.54 -12.50
C ARG A 272 -5.22 15.57 -11.38
N MET A 273 -4.09 16.19 -11.07
CA MET A 273 -4.08 17.23 -10.05
C MET A 273 -3.16 18.41 -10.37
N PHE A 274 -2.46 18.42 -11.51
CA PHE A 274 -1.54 19.49 -11.85
C PHE A 274 -1.90 20.08 -13.21
N ASP A 275 -1.48 21.32 -13.41
CA ASP A 275 -1.75 22.05 -14.65
C ASP A 275 -0.52 22.86 -15.01
N TYR A 276 -0.46 23.28 -16.28
CA TYR A 276 0.69 24.07 -16.73
C TYR A 276 0.79 25.38 -15.96
N THR A 277 -0.33 25.93 -15.51
CA THR A 277 -0.32 27.18 -14.76
C THR A 277 0.27 27.02 -13.37
N ASP A 278 0.40 25.79 -12.87
CA ASP A 278 1.01 25.57 -11.56
C ASP A 278 2.52 25.80 -11.57
N ASP A 279 3.14 25.79 -12.74
CA ASP A 279 4.58 26.00 -12.88
C ASP A 279 4.80 27.08 -13.93
N PRO A 280 4.77 28.36 -13.53
CA PRO A 280 4.95 29.44 -14.50
C PRO A 280 6.39 29.81 -14.80
N GLU A 281 7.36 28.99 -14.38
CA GLU A 281 8.77 29.27 -14.60
C GLU A 281 9.47 28.18 -15.40
N GLY A 282 9.15 26.91 -15.14
CA GLY A 282 9.81 25.82 -15.81
C GLY A 282 9.19 25.49 -17.15
N PRO A 283 9.66 24.41 -17.77
CA PRO A 283 9.13 24.01 -19.07
C PRO A 283 7.63 23.77 -19.01
N VAL A 284 6.95 24.08 -20.12
CA VAL A 284 5.50 23.98 -20.14
C VAL A 284 5.08 22.54 -19.91
N MET A 285 4.19 22.34 -18.95
CA MET A 285 3.69 21.01 -18.66
C MET A 285 2.77 20.54 -19.79
N PRO A 286 2.96 19.33 -20.33
CA PRO A 286 2.03 18.85 -21.35
C PRO A 286 0.61 18.79 -20.83
N GLY A 287 -0.34 19.08 -21.71
CA GLY A 287 -1.73 19.16 -21.32
C GLY A 287 -2.27 17.83 -20.82
N SER A 288 -3.42 17.91 -20.16
CA SER A 288 -4.05 16.71 -19.63
C SER A 288 -4.47 15.77 -20.75
N HIS A 289 -4.99 16.33 -21.85
CA HIS A 289 -5.42 15.53 -23.00
C HIS A 289 -4.33 15.42 -24.06
N SER A 290 -3.07 15.45 -23.67
CA SER A 290 -1.94 15.30 -24.57
C SER A 290 -1.26 13.97 -24.31
N VAL A 291 -0.97 13.24 -25.40
CA VAL A 291 -0.38 11.91 -25.26
C VAL A 291 1.00 11.98 -24.62
N GLU A 292 1.65 13.14 -24.64
CA GLU A 292 2.91 13.28 -23.92
C GLU A 292 2.72 13.05 -22.43
N ARG A 293 1.64 13.59 -21.87
CA ARG A 293 1.36 13.39 -20.45
C ARG A 293 1.17 11.91 -20.15
N PHE A 294 0.42 11.21 -20.99
CA PHE A 294 0.21 9.78 -20.78
C PHE A 294 1.52 9.00 -20.86
N VAL A 295 2.37 9.33 -21.84
CA VAL A 295 3.64 8.64 -21.96
C VAL A 295 4.49 8.87 -20.72
N ILE A 296 4.56 10.12 -20.26
CA ILE A 296 5.35 10.44 -19.08
C ILE A 296 4.83 9.68 -17.87
N GLU A 297 3.51 9.71 -17.67
CA GLU A 297 2.93 9.04 -16.50
C GLU A 297 3.19 7.55 -16.54
N GLU A 298 3.01 6.92 -17.70
CA GLU A 298 3.22 5.48 -17.80
C GLU A 298 4.68 5.12 -17.59
N ASN A 299 5.60 5.91 -18.14
CA ASN A 299 7.02 5.63 -17.95
C ASN A 299 7.41 5.75 -16.49
N LEU A 300 6.91 6.79 -15.81
CA LEU A 300 7.24 6.96 -14.39
C LEU A 300 6.63 5.84 -13.55
N HIS A 301 5.40 5.42 -13.87
CA HIS A 301 4.80 4.31 -13.15
C HIS A 301 5.62 3.04 -13.34
N CYS A 302 6.08 2.78 -14.57
CA CYS A 302 6.92 1.61 -14.81
C CYS A 302 8.25 1.71 -14.07
N ILE A 303 8.83 2.90 -14.01
CA ILE A 303 10.09 3.08 -13.27
C ILE A 303 9.88 2.77 -11.80
N ILE A 304 8.77 3.25 -11.23
CA ILE A 304 8.48 2.95 -9.83
C ILE A 304 8.28 1.46 -9.63
N LYS A 305 7.55 0.81 -10.54
CA LYS A 305 7.27 -0.62 -10.41
C LYS A 305 8.55 -1.43 -10.47
N SER A 306 9.44 -1.09 -11.40
CA SER A 306 10.66 -1.88 -11.56
C SER A 306 11.56 -1.80 -10.33
N HIS A 307 11.73 -0.60 -9.78
CA HIS A 307 12.62 -0.36 -8.65
C HIS A 307 11.86 -0.10 -7.36
N TRP A 308 10.67 -0.68 -7.22
CA TRP A 308 9.85 -0.43 -6.04
C TRP A 308 10.48 -0.95 -4.76
N LYS A 309 11.51 -1.80 -4.85
CA LYS A 309 12.14 -2.35 -3.65
C LYS A 309 13.11 -1.35 -3.02
N GLU A 310 14.13 -0.96 -3.77
CA GLU A 310 15.13 -0.01 -3.27
C GLU A 310 14.63 1.40 -3.49
N ARG A 311 14.53 2.18 -2.41
CA ARG A 311 14.02 3.54 -2.53
C ARG A 311 15.06 4.49 -3.12
N LYS A 312 16.33 4.31 -2.77
CA LYS A 312 17.37 5.19 -3.30
C LYS A 312 17.49 5.02 -4.81
N THR A 313 17.51 3.78 -5.30
CA THR A 313 17.61 3.54 -6.73
C THR A 313 16.37 4.07 -7.45
N CYS A 314 15.19 3.86 -6.87
CA CYS A 314 13.98 4.37 -7.49
C CYS A 314 13.99 5.88 -7.59
N ALA A 315 14.42 6.56 -6.53
CA ALA A 315 14.50 8.01 -6.56
C ALA A 315 15.50 8.48 -7.61
N ALA A 316 16.67 7.84 -7.67
CA ALA A 316 17.66 8.23 -8.65
C ALA A 316 17.14 8.04 -10.06
N GLN A 317 16.46 6.92 -10.33
CA GLN A 317 15.93 6.68 -11.66
C GLN A 317 14.83 7.68 -12.00
N LEU A 318 13.96 7.99 -11.04
CA LEU A 318 12.88 8.93 -11.31
C LEU A 318 13.43 10.31 -11.62
N VAL A 319 14.47 10.75 -10.88
CA VAL A 319 15.02 12.07 -11.12
C VAL A 319 15.65 12.17 -12.50
N SER A 320 16.26 11.08 -12.97
CA SER A 320 17.00 11.08 -14.23
C SER A 320 16.17 10.49 -15.38
N TYR A 321 14.88 10.74 -15.40
CA TYR A 321 14.03 10.25 -16.48
C TYR A 321 14.26 11.08 -17.74
N PRO A 322 14.73 10.50 -18.84
CA PRO A 322 15.03 11.32 -20.02
C PRO A 322 13.78 11.58 -20.86
N GLY A 323 13.91 12.53 -21.78
CA GLY A 323 12.82 12.88 -22.68
C GLY A 323 13.27 13.71 -23.86
N LYS A 324 12.53 13.63 -24.97
CA LYS A 324 12.90 14.37 -26.16
C LYS A 324 12.85 15.87 -25.90
N ASN A 325 11.83 16.34 -25.21
CA ASN A 325 11.66 17.74 -24.88
C ASN A 325 11.50 17.92 -23.38
N LYS A 326 12.06 19.01 -22.86
CA LYS A 326 12.08 19.22 -21.42
C LYS A 326 10.68 19.39 -20.87
N ILE A 327 10.45 18.85 -19.67
CA ILE A 327 9.16 18.91 -19.00
C ILE A 327 9.40 19.17 -17.53
N PRO A 328 8.36 19.65 -16.81
CA PRO A 328 8.52 19.91 -15.38
C PRO A 328 8.59 18.61 -14.59
N LEU A 329 9.78 18.02 -14.52
CA LEU A 329 9.91 16.66 -14.04
C LEU A 329 9.46 16.51 -12.59
N ASN A 330 9.74 17.51 -11.75
CA ASN A 330 9.37 17.40 -10.34
C ASN A 330 7.86 17.29 -10.18
N TYR A 331 7.10 18.11 -10.91
CA TYR A 331 5.65 18.07 -10.82
C TYR A 331 5.11 16.73 -11.32
N HIS A 332 5.68 16.21 -12.41
CA HIS A 332 5.24 14.90 -12.91
C HIS A 332 5.53 13.80 -11.90
N ILE A 333 6.71 13.83 -11.27
CA ILE A 333 7.04 12.81 -10.28
C ILE A 333 6.08 12.87 -9.12
N VAL A 334 5.83 14.07 -8.60
CA VAL A 334 4.92 14.20 -7.45
C VAL A 334 3.53 13.74 -7.83
N GLU A 335 3.07 14.11 -9.03
CA GLU A 335 1.72 13.73 -9.44
C GLU A 335 1.60 12.22 -9.58
N VAL A 336 2.59 11.56 -10.18
CA VAL A 336 2.50 10.10 -10.35
C VAL A 336 2.59 9.40 -9.01
N ILE A 337 3.44 9.89 -8.10
CA ILE A 337 3.54 9.26 -6.79
C ILE A 337 2.22 9.39 -6.04
N PHE A 338 1.60 10.56 -6.09
CA PHE A 338 0.31 10.72 -5.43
C PHE A 338 -0.77 9.91 -6.12
N ALA A 339 -0.69 9.76 -7.45
CA ALA A 339 -1.63 8.91 -8.15
C ALA A 339 -1.52 7.47 -7.69
N GLU A 340 -0.29 6.98 -7.53
CA GLU A 340 -0.08 5.63 -7.03
C GLU A 340 -0.62 5.50 -5.61
N LEU A 341 -0.32 6.48 -4.74
CA LEU A 341 -0.78 6.41 -3.36
C LEU A 341 -2.30 6.41 -3.28
N PHE A 342 -2.94 7.25 -4.08
CA PHE A 342 -4.39 7.46 -4.00
C PHE A 342 -5.19 6.61 -4.95
N GLN A 343 -4.55 5.77 -5.78
CA GLN A 343 -5.31 4.99 -6.73
C GLN A 343 -6.20 3.99 -6.00
N LEU A 344 -7.41 3.82 -6.51
CA LEU A 344 -8.32 2.84 -5.95
C LEU A 344 -8.44 1.65 -6.90
N PRO A 345 -8.71 0.44 -6.39
CA PRO A 345 -9.04 0.09 -4.99
C PRO A 345 -7.87 0.19 -4.03
N ALA A 346 -6.67 -0.18 -4.47
CA ALA A 346 -5.49 -0.18 -3.61
C ALA A 346 -4.29 0.30 -4.39
N PRO A 347 -3.27 0.83 -3.71
CA PRO A 347 -2.08 1.29 -4.41
C PRO A 347 -1.30 0.12 -4.98
N PRO A 348 -0.50 0.35 -6.03
CA PRO A 348 0.32 -0.76 -6.56
C PRO A 348 1.28 -1.35 -5.54
N HIS A 349 1.71 -0.56 -4.55
CA HIS A 349 2.64 -1.03 -3.54
C HIS A 349 2.15 -0.54 -2.18
N ILE A 350 3.01 -0.67 -1.17
CA ILE A 350 2.68 -0.27 0.19
C ILE A 350 2.86 1.24 0.33
N ASP A 351 2.08 1.84 1.23
CA ASP A 351 2.05 3.30 1.36
C ASP A 351 3.31 3.85 2.02
N VAL A 352 3.84 3.14 3.01
CA VAL A 352 5.07 3.60 3.65
C VAL A 352 6.16 3.73 2.60
N MET A 353 6.12 2.90 1.56
CA MET A 353 7.05 3.06 0.45
C MET A 353 6.90 4.42 -0.19
N TYR A 354 5.67 4.84 -0.43
CA TYR A 354 5.46 6.12 -1.12
C TYR A 354 5.95 7.29 -0.27
N THR A 355 5.64 7.28 1.02
CA THR A 355 6.13 8.38 1.86
C THR A 355 7.66 8.39 1.92
N THR A 356 8.28 7.23 2.08
CA THR A 356 9.74 7.19 2.14
C THR A 356 10.36 7.58 0.80
N LEU A 357 9.73 7.20 -0.31
CA LEU A 357 10.24 7.59 -1.62
C LEU A 357 10.16 9.09 -1.82
N LEU A 358 9.07 9.71 -1.37
CA LEU A 358 8.99 11.17 -1.44
C LEU A 358 10.08 11.80 -0.60
N ILE A 359 10.33 11.24 0.59
CA ILE A 359 11.42 11.76 1.44
C ILE A 359 12.74 11.67 0.69
N GLU A 360 13.00 10.51 0.07
CA GLU A 360 14.26 10.31 -0.63
C GLU A 360 14.40 11.25 -1.82
N LEU A 361 13.31 11.45 -2.57
CA LEU A 361 13.35 12.36 -3.71
C LEU A 361 13.63 13.78 -3.25
N CYS A 362 12.99 14.21 -2.15
CA CYS A 362 13.28 15.52 -1.60
C CYS A 362 14.74 15.64 -1.19
N LYS A 363 15.30 14.57 -0.63
CA LYS A 363 16.72 14.58 -0.29
C LYS A 363 17.58 14.74 -1.53
N LEU A 364 17.23 14.03 -2.62
CA LEU A 364 18.03 14.09 -3.84
C LEU A 364 18.00 15.48 -4.46
N GLN A 365 16.84 16.15 -4.42
CA GLN A 365 16.65 17.45 -5.04
C GLN A 365 16.11 18.40 -3.99
N PRO A 366 16.97 18.89 -3.08
CA PRO A 366 16.48 19.70 -1.97
C PRO A 366 16.17 21.15 -2.32
N GLY A 367 16.48 21.58 -3.54
CA GLY A 367 16.26 22.96 -3.92
C GLY A 367 14.93 23.21 -4.59
N SER A 368 14.37 22.19 -5.22
CA SER A 368 13.14 22.33 -6.00
C SER A 368 12.01 21.46 -5.49
N LEU A 369 12.26 20.17 -5.27
CA LEU A 369 11.17 19.26 -4.94
C LEU A 369 10.43 19.62 -3.66
N PRO A 370 11.09 20.06 -2.58
CA PRO A 370 10.32 20.39 -1.37
C PRO A 370 9.23 21.42 -1.61
N GLN A 371 9.51 22.42 -2.44
CA GLN A 371 8.48 23.41 -2.78
C GLN A 371 7.33 22.77 -3.54
N VAL A 372 7.65 21.86 -4.47
CA VAL A 372 6.60 21.16 -5.21
C VAL A 372 5.75 20.33 -4.27
N LEU A 373 6.39 19.68 -3.29
CA LEU A 373 5.64 18.87 -2.34
C LEU A 373 4.74 19.74 -1.46
N ALA A 374 5.25 20.89 -1.01
CA ALA A 374 4.42 21.78 -0.23
C ALA A 374 3.23 22.29 -1.04
N GLN A 375 3.46 22.65 -2.31
CA GLN A 375 2.37 23.09 -3.16
C GLN A 375 1.37 21.97 -3.37
N ALA A 376 1.85 20.75 -3.61
CA ALA A 376 0.95 19.62 -3.79
C ALA A 376 0.12 19.37 -2.54
N THR A 377 0.74 19.49 -1.37
CA THR A 377 -0.02 19.32 -0.13
C THR A 377 -1.10 20.38 0.02
N GLU A 378 -0.77 21.63 -0.30
CA GLU A 378 -1.77 22.69 -0.19
C GLU A 378 -2.93 22.46 -1.15
N MET A 379 -2.64 22.07 -2.39
CA MET A 379 -3.70 21.79 -3.35
C MET A 379 -4.53 20.59 -2.94
N LEU A 380 -3.89 19.55 -2.39
CA LEU A 380 -4.64 18.40 -1.90
C LEU A 380 -5.57 18.81 -0.76
N TYR A 381 -5.08 19.68 0.14
CA TYR A 381 -5.93 20.16 1.22
C TYR A 381 -7.10 20.99 0.69
N MET A 382 -6.84 21.85 -0.29
CA MET A 382 -7.90 22.72 -0.80
C MET A 382 -9.05 21.92 -1.39
N ARG A 383 -8.74 20.83 -2.09
CA ARG A 383 -9.76 20.01 -2.73
C ARG A 383 -10.29 18.90 -1.81
N LEU A 384 -10.14 19.05 -0.50
CA LEU A 384 -10.59 18.02 0.42
C LEU A 384 -12.11 17.89 0.45
N ASP A 385 -12.84 18.87 -0.06
CA ASP A 385 -14.29 18.86 0.05
C ASP A 385 -14.94 17.73 -0.72
N THR A 386 -14.24 17.12 -1.68
CA THR A 386 -14.80 16.02 -2.45
C THR A 386 -13.86 14.83 -2.54
N MET A 387 -12.77 14.81 -1.78
CA MET A 387 -11.82 13.71 -1.83
C MET A 387 -12.45 12.44 -1.27
N ASN A 388 -12.06 11.30 -1.83
CA ASN A 388 -12.52 10.01 -1.32
C ASN A 388 -12.03 9.83 0.12
N THR A 389 -12.89 9.25 0.96
CA THR A 389 -12.52 9.04 2.35
C THR A 389 -11.36 8.07 2.47
N THR A 390 -11.30 7.07 1.59
CA THR A 390 -10.12 6.22 1.52
C THR A 390 -8.88 7.04 1.21
N CYS A 391 -8.97 7.87 0.16
CA CYS A 391 -7.85 8.73 -0.20
C CYS A 391 -7.58 9.76 0.87
N VAL A 392 -8.61 10.21 1.60
CA VAL A 392 -8.37 11.14 2.70
C VAL A 392 -7.58 10.45 3.80
N ASP A 393 -7.89 9.19 4.10
CA ASP A 393 -7.11 8.46 5.09
C ASP A 393 -5.66 8.30 4.66
N ARG A 394 -5.47 7.94 3.39
CA ARG A 394 -4.11 7.80 2.88
C ARG A 394 -3.35 9.12 2.97
N PHE A 395 -4.02 10.22 2.61
CA PHE A 395 -3.40 11.54 2.69
C PHE A 395 -3.06 11.90 4.13
N ILE A 396 -3.95 11.59 5.08
CA ILE A 396 -3.69 11.87 6.48
C ILE A 396 -2.46 11.11 6.94
N ASN A 397 -2.38 9.83 6.62
CA ASN A 397 -1.24 9.02 7.04
C ASN A 397 0.06 9.55 6.44
N TRP A 398 0.03 9.85 5.13
CA TRP A 398 1.24 10.33 4.49
C TRP A 398 1.70 11.65 5.09
N PHE A 399 0.77 12.58 5.30
CA PHE A 399 1.14 13.88 5.83
C PHE A 399 1.65 13.77 7.26
N SER A 400 1.04 12.90 8.07
CA SER A 400 1.52 12.69 9.42
C SER A 400 2.95 12.17 9.41
N HIS A 401 3.22 11.17 8.56
CA HIS A 401 4.58 10.63 8.49
C HIS A 401 5.57 11.68 7.99
N HIS A 402 5.17 12.47 6.99
CA HIS A 402 6.04 13.52 6.49
C HIS A 402 6.41 14.50 7.59
N LEU A 403 5.40 15.00 8.31
CA LEU A 403 5.67 15.93 9.39
C LEU A 403 6.54 15.30 10.46
N SER A 404 6.25 14.05 10.82
CA SER A 404 7.08 13.35 11.80
C SER A 404 8.53 13.30 11.35
N ASN A 405 8.75 13.13 10.04
CA ASN A 405 10.11 13.12 9.52
C ASN A 405 10.73 14.50 9.51
N PHE A 406 9.93 15.57 9.47
CA PHE A 406 10.46 16.92 9.41
C PHE A 406 10.10 17.72 10.65
N GLN A 407 10.19 17.09 11.81
CA GLN A 407 10.05 17.78 13.10
C GLN A 407 8.70 18.48 13.23
N PHE A 408 7.68 17.90 12.60
CA PHE A 408 6.32 18.38 12.73
C PHE A 408 6.24 19.88 12.46
N ARG A 409 6.91 20.32 11.41
CA ARG A 409 6.95 21.73 11.02
C ARG A 409 6.02 21.95 9.83
N TRP A 410 5.17 22.97 9.95
CA TRP A 410 4.21 23.30 8.90
C TRP A 410 3.57 24.63 9.25
N SER A 411 3.20 25.38 8.20
CA SER A 411 2.51 26.66 8.38
C SER A 411 1.02 26.37 8.56
N TRP A 412 0.65 26.04 9.80
CA TRP A 412 -0.73 25.70 10.08
C TRP A 412 -1.67 26.87 9.86
N GLU A 413 -1.17 28.10 10.03
CA GLU A 413 -2.03 29.28 9.87
C GLU A 413 -2.61 29.35 8.46
N ASP A 414 -1.91 28.82 7.47
CA ASP A 414 -2.42 28.86 6.11
C ASP A 414 -3.72 28.08 5.99
N TRP A 415 -3.95 27.11 6.87
CA TRP A 415 -5.17 26.33 6.89
C TRP A 415 -6.20 26.87 7.87
N SER A 416 -5.95 28.04 8.46
CA SER A 416 -6.83 28.58 9.49
C SER A 416 -8.27 28.65 9.04
N ASP A 417 -8.55 28.57 7.74
CA ASP A 417 -9.93 28.63 7.28
C ASP A 417 -10.76 27.49 7.83
N CYS A 418 -10.13 26.40 8.29
CA CYS A 418 -10.89 25.25 8.77
C CYS A 418 -11.49 25.52 10.15
N LEU A 419 -10.95 26.48 10.90
CA LEU A 419 -11.48 26.77 12.22
C LEU A 419 -12.92 27.27 12.14
N SER A 420 -13.20 28.17 11.20
CA SER A 420 -14.50 28.84 11.19
C SER A 420 -15.64 27.87 10.89
N GLN A 421 -15.44 26.97 9.93
CA GLN A 421 -16.54 26.19 9.39
C GLN A 421 -16.87 25.01 10.31
N ASP A 422 -17.75 24.14 9.84
CA ASP A 422 -18.25 23.04 10.65
C ASP A 422 -17.10 22.15 11.12
N PRO A 423 -17.15 21.62 12.34
CA PRO A 423 -16.04 20.77 12.81
C PRO A 423 -16.03 19.39 12.18
N GLU A 424 -17.16 18.91 11.66
CA GLU A 424 -17.24 17.62 11.01
C GLU A 424 -16.91 17.67 9.53
N SER A 425 -16.64 18.86 8.99
CA SER A 425 -16.42 19.00 7.57
C SER A 425 -15.08 18.39 7.18
N PRO A 426 -14.88 18.09 5.89
CA PRO A 426 -13.66 17.38 5.48
C PRO A 426 -12.37 18.07 5.89
N LYS A 427 -12.32 19.41 5.84
CA LYS A 427 -11.06 20.10 6.13
C LYS A 427 -10.73 20.08 7.61
N PRO A 428 -11.59 20.58 8.51
CA PRO A 428 -11.28 20.46 9.94
C PRO A 428 -11.16 19.02 10.41
N LYS A 429 -11.94 18.10 9.85
CA LYS A 429 -11.79 16.70 10.22
C LYS A 429 -10.42 16.16 9.80
N PHE A 430 -9.96 16.52 8.60
CA PHE A 430 -8.63 16.11 8.18
C PHE A 430 -7.57 16.69 9.09
N VAL A 431 -7.73 17.96 9.48
CA VAL A 431 -6.75 18.58 10.38
C VAL A 431 -6.72 17.87 11.73
N ARG A 432 -7.89 17.58 12.28
CA ARG A 432 -7.97 16.89 13.56
C ARG A 432 -7.30 15.53 13.47
N GLU A 433 -7.58 14.78 12.41
CA GLU A 433 -7.05 13.43 12.28
C GLU A 433 -5.54 13.45 12.06
N VAL A 434 -5.06 14.45 11.31
CA VAL A 434 -3.62 14.61 11.11
C VAL A 434 -2.94 14.89 12.44
N LEU A 435 -3.52 15.78 13.24
CA LEU A 435 -2.94 16.07 14.55
C LEU A 435 -2.98 14.85 15.46
N GLU A 436 -4.05 14.06 15.36
CA GLU A 436 -4.13 12.84 16.15
C GLU A 436 -3.02 11.86 15.78
N LYS A 437 -2.78 11.67 14.48
CA LYS A 437 -1.69 10.81 14.04
C LYS A 437 -0.34 11.37 14.48
N CYS A 438 -0.16 12.69 14.39
CA CYS A 438 1.10 13.29 14.81
C CYS A 438 1.35 13.05 16.28
N MET A 439 0.29 13.16 17.11
CA MET A 439 0.42 12.78 18.51
C MET A 439 0.77 11.30 18.64
N ARG A 440 0.16 10.46 17.81
CA ARG A 440 0.49 9.03 17.84
C ARG A 440 1.98 8.81 17.61
N LEU A 441 2.61 9.61 16.76
CA LEU A 441 4.04 9.50 16.48
C LEU A 441 4.89 10.37 17.40
N SER A 442 4.30 10.93 18.44
CA SER A 442 5.00 11.80 19.38
C SER A 442 4.24 11.78 20.71
N TYR A 443 4.44 12.76 21.58
CA TYR A 443 3.68 12.83 22.85
C TYR A 443 2.67 13.95 22.75
N HIS A 444 1.55 13.85 23.48
CA HIS A 444 0.44 14.84 23.46
C HIS A 444 0.95 16.27 23.61
N GLN A 445 1.82 16.55 24.58
CA GLN A 445 2.31 17.92 24.85
C GLN A 445 3.09 18.47 23.65
N ARG A 446 3.76 17.61 22.88
CA ARG A 446 4.59 18.02 21.72
C ARG A 446 3.73 18.56 20.59
N ILE A 447 2.48 18.11 20.49
CA ILE A 447 1.50 18.53 19.44
C ILE A 447 0.83 19.83 19.85
N LEU A 448 0.68 20.09 21.16
CA LEU A 448 0.07 21.34 21.66
C LEU A 448 1.07 22.49 21.49
N ASP A 449 2.37 22.20 21.48
CA ASP A 449 3.44 23.21 21.38
C ASP A 449 3.69 23.61 19.92
N ILE A 450 3.23 22.86 18.93
CA ILE A 450 3.52 23.17 17.49
C ILE A 450 2.33 23.87 16.81
N VAL A 451 1.08 23.51 17.09
CA VAL A 451 -0.07 24.18 16.41
C VAL A 451 -0.20 25.60 16.96
N PRO A 452 -0.65 26.61 16.19
CA PRO A 452 -0.80 27.95 16.72
C PRO A 452 -1.94 27.93 17.75
N PRO A 453 -1.88 28.70 18.86
CA PRO A 453 -2.88 28.65 19.92
C PRO A 453 -4.35 28.65 19.44
N THR A 454 -4.62 29.20 18.26
CA THR A 454 -5.97 29.27 17.72
C THR A 454 -6.48 27.90 17.27
N PHE A 455 -5.59 26.95 17.02
CA PHE A 455 -5.94 25.61 16.60
C PHE A 455 -6.17 24.68 17.78
N SER A 456 -6.12 25.19 19.01
CA SER A 456 -6.19 24.31 20.18
C SER A 456 -7.45 23.47 20.18
N ALA A 457 -8.54 23.98 19.61
CA ALA A 457 -9.79 23.22 19.59
C ALA A 457 -9.67 21.92 18.82
N LEU A 458 -8.76 21.85 17.85
CA LEU A 458 -8.61 20.67 17.01
C LEU A 458 -7.56 19.69 17.51
N CYS A 459 -6.86 20.01 18.59
CA CYS A 459 -5.81 19.14 19.08
C CYS A 459 -6.42 17.87 19.71
N PRO A 460 -5.65 16.79 19.78
CA PRO A 460 -6.20 15.56 20.34
C PRO A 460 -6.33 15.63 21.85
N VAL A 461 -7.30 14.88 22.38
CA VAL A 461 -7.49 14.82 23.82
C VAL A 461 -6.36 14.05 24.48
N ASN A 462 -6.13 14.34 25.75
CA ASN A 462 -5.08 13.65 26.49
C ASN A 462 -5.42 12.17 26.59
N PRO A 463 -4.47 11.27 26.27
CA PRO A 463 -4.80 9.83 26.35
C PRO A 463 -4.66 9.25 27.77
N THR A 464 -5.71 9.44 28.55
CA THR A 464 -5.75 9.00 29.94
C THR A 464 -6.90 8.04 30.15
N CYS A 465 -6.71 7.07 31.05
CA CYS A 465 -7.77 6.13 31.37
C CYS A 465 -8.86 6.81 32.18
N ILE A 466 -10.09 6.32 32.02
CA ILE A 466 -11.25 6.83 32.74
C ILE A 466 -11.79 5.68 33.59
N TYR A 467 -11.43 5.67 34.87
CA TYR A 467 -11.84 4.63 35.80
C TYR A 467 -13.10 5.08 36.52
N LYS A 468 -14.18 4.31 36.37
CA LYS A 468 -15.44 4.68 36.99
C LYS A 468 -15.36 4.62 38.52
N TYR A 469 -14.50 3.76 39.06
CA TYR A 469 -14.45 3.49 40.50
C TYR A 469 -13.27 4.19 41.16
N GLY A 470 -12.96 5.42 40.73
CA GLY A 470 -11.90 6.17 41.38
C GLY A 470 -12.31 6.63 42.77
N ASP A 471 -11.31 7.14 43.50
CA ASP A 471 -11.54 7.54 44.88
C ASP A 471 -12.63 8.60 44.97
N GLU A 472 -12.59 9.59 44.06
CA GLU A 472 -13.61 10.62 44.06
C GLU A 472 -14.98 10.09 43.61
N SER A 473 -15.02 8.92 42.99
CA SER A 473 -16.28 8.37 42.53
C SER A 473 -17.20 8.08 43.71
N SER A 474 -18.49 8.31 43.51
CA SER A 474 -19.48 8.04 44.54
C SER A 474 -19.63 6.54 44.75
N ASN A 475 -20.02 6.17 45.97
CA ASN A 475 -20.26 4.77 46.31
C ASN A 475 -21.63 4.28 45.88
N SER A 476 -22.50 5.17 45.40
CA SER A 476 -23.84 4.75 44.98
C SER A 476 -23.76 3.78 43.80
N LEU A 477 -22.73 3.89 42.98
CA LEU A 477 -22.60 2.99 41.84
C LEU A 477 -22.44 1.55 42.33
N PRO A 478 -23.23 0.61 41.83
CA PRO A 478 -23.08 -0.78 42.27
C PRO A 478 -21.76 -1.37 41.78
N GLY A 479 -20.99 -1.93 42.69
CA GLY A 479 -19.75 -2.60 42.34
C GLY A 479 -18.50 -1.85 42.79
N HIS A 480 -18.63 -1.02 43.82
CA HIS A 480 -17.47 -0.30 44.33
C HIS A 480 -16.64 -1.19 45.25
N SER A 481 -17.28 -1.87 46.19
CA SER A 481 -16.55 -2.76 47.09
C SER A 481 -15.87 -3.88 46.31
N VAL A 482 -16.58 -4.47 45.35
CA VAL A 482 -15.99 -5.53 44.54
C VAL A 482 -14.82 -4.99 43.74
N ALA A 483 -14.95 -3.77 43.21
CA ALA A 483 -13.85 -3.18 42.45
C ALA A 483 -12.63 -2.98 43.33
N LEU A 484 -12.81 -2.48 44.55
CA LEU A 484 -11.69 -2.29 45.46
C LEU A 484 -11.05 -3.63 45.81
N CYS A 485 -11.87 -4.65 46.07
CA CYS A 485 -11.33 -5.96 46.38
C CYS A 485 -10.52 -6.52 45.21
N LEU A 486 -11.04 -6.38 43.99
CA LEU A 486 -10.30 -6.84 42.82
C LEU A 486 -9.00 -6.08 42.67
N ALA A 487 -9.02 -4.77 42.93
CA ALA A 487 -7.79 -3.98 42.82
C ALA A 487 -6.73 -4.48 43.80
N VAL A 488 -7.12 -4.70 45.05
CA VAL A 488 -6.15 -5.16 46.04
C VAL A 488 -5.66 -6.55 45.70
N ALA A 489 -6.55 -7.41 45.20
CA ALA A 489 -6.13 -8.75 44.79
C ALA A 489 -5.14 -8.68 43.64
N PHE A 490 -5.38 -7.80 42.67
CA PHE A 490 -4.44 -7.63 41.57
C PHE A 490 -3.09 -7.17 42.07
N LYS A 491 -3.08 -6.21 43.00
CA LYS A 491 -1.81 -5.77 43.58
C LYS A 491 -1.15 -6.88 44.38
N SER A 492 -1.89 -7.90 44.78
CA SER A 492 -1.36 -9.01 45.58
C SER A 492 -0.97 -10.21 44.75
N LYS A 493 -0.87 -10.04 43.42
CA LYS A 493 -0.52 -11.14 42.52
C LYS A 493 -1.50 -12.29 42.67
N ALA A 494 -2.77 -11.99 42.38
CA ALA A 494 -3.84 -12.95 42.57
C ALA A 494 -3.81 -14.02 41.49
N THR A 495 -4.49 -15.13 41.77
CA THR A 495 -4.71 -16.19 40.81
C THR A 495 -6.13 -16.09 40.26
N ASN A 496 -6.40 -16.89 39.22
CA ASN A 496 -7.72 -16.85 38.59
C ASN A 496 -8.79 -17.40 39.50
N ASP A 497 -8.46 -18.42 40.29
CA ASP A 497 -9.45 -19.04 41.18
C ASP A 497 -9.91 -18.05 42.25
N GLU A 498 -8.97 -17.36 42.89
CA GLU A 498 -9.37 -16.42 43.93
C GLU A 498 -10.03 -15.18 43.34
N ILE A 499 -9.65 -14.79 42.12
CA ILE A 499 -10.36 -13.71 41.45
C ILE A 499 -11.80 -14.10 41.17
N PHE A 500 -12.03 -15.34 40.73
CA PHE A 500 -13.40 -15.83 40.59
C PHE A 500 -14.10 -15.80 41.94
N SER A 501 -13.40 -16.18 43.00
CA SER A 501 -14.03 -16.19 44.33
C SER A 501 -14.50 -14.79 44.72
N ILE A 502 -13.66 -13.78 44.50
CA ILE A 502 -14.07 -12.42 44.86
C ILE A 502 -15.17 -11.95 43.92
N LEU A 503 -15.12 -12.33 42.65
CA LEU A 503 -16.17 -11.99 41.70
C LEU A 503 -17.46 -12.76 41.96
N LYS A 504 -17.45 -13.71 42.88
CA LYS A 504 -18.67 -14.44 43.22
C LYS A 504 -19.75 -13.52 43.76
N ASP A 505 -19.36 -12.52 44.55
CA ASP A 505 -20.31 -11.64 45.22
C ASP A 505 -20.57 -10.41 44.36
N VAL A 506 -21.54 -10.54 43.45
CA VAL A 506 -21.99 -9.40 42.63
C VAL A 506 -23.51 -9.48 42.50
N PRO A 507 -24.24 -8.41 42.83
CA PRO A 507 -25.70 -8.47 42.73
C PRO A 507 -26.18 -8.42 41.29
N ASN A 508 -26.21 -9.58 40.62
CA ASN A 508 -26.59 -9.68 39.23
C ASN A 508 -27.86 -8.89 38.95
N PRO A 509 -27.77 -7.77 38.21
CA PRO A 509 -29.00 -7.03 37.88
C PRO A 509 -30.00 -7.87 37.10
N ASN A 510 -29.53 -8.79 36.25
CA ASN A 510 -30.41 -9.63 35.47
C ASN A 510 -30.77 -10.90 36.23
N SER A 520 -26.28 -16.54 33.11
CA SER A 520 -24.93 -17.02 32.85
C SER A 520 -24.01 -15.84 32.53
N PHE A 521 -24.57 -14.81 31.90
CA PHE A 521 -23.83 -13.62 31.53
C PHE A 521 -24.24 -12.48 32.45
N ASN A 522 -23.27 -11.91 33.17
CA ASN A 522 -23.51 -10.82 34.10
C ASN A 522 -22.82 -9.57 33.60
N PRO A 523 -23.53 -8.46 33.33
CA PRO A 523 -22.86 -7.28 32.80
C PRO A 523 -22.03 -6.56 33.85
N LEU A 524 -22.53 -6.52 35.09
CA LEU A 524 -21.79 -5.85 36.15
C LEU A 524 -20.48 -6.55 36.45
N LYS A 525 -20.48 -7.89 36.47
CA LYS A 525 -19.25 -8.63 36.70
C LYS A 525 -18.20 -8.29 35.64
N ILE A 526 -18.59 -8.36 34.37
CA ILE A 526 -17.66 -8.05 33.28
C ILE A 526 -17.19 -6.60 33.41
N GLU A 527 -18.10 -5.69 33.68
CA GLU A 527 -17.74 -4.28 33.78
C GLU A 527 -16.69 -4.06 34.86
N VAL A 528 -16.94 -4.55 36.07
CA VAL A 528 -16.02 -4.33 37.17
C VAL A 528 -14.67 -4.98 36.85
N PHE A 529 -14.69 -6.22 36.38
CA PHE A 529 -13.44 -6.93 36.12
C PHE A 529 -12.61 -6.20 35.06
N VAL A 530 -13.23 -5.87 33.92
CA VAL A 530 -12.48 -5.24 32.84
C VAL A 530 -12.01 -3.86 33.24
N GLN A 531 -12.85 -3.08 33.92
CA GLN A 531 -12.44 -1.75 34.36
C GLN A 531 -11.21 -1.84 35.25
N THR A 532 -11.26 -2.68 36.29
CA THR A 532 -10.13 -2.77 37.19
C THR A 532 -8.88 -3.28 36.47
N LEU A 533 -9.03 -4.31 35.64
CA LEU A 533 -7.88 -4.87 34.94
C LEU A 533 -7.22 -3.81 34.06
N LEU A 534 -8.01 -3.11 33.25
CA LEU A 534 -7.44 -2.13 32.34
C LEU A 534 -6.84 -0.95 33.10
N HIS A 535 -7.50 -0.48 34.16
CA HIS A 535 -6.97 0.64 34.93
C HIS A 535 -5.63 0.29 35.55
N LEU A 536 -5.53 -0.90 36.15
CA LEU A 536 -4.26 -1.27 36.79
C LEU A 536 -3.15 -1.46 35.79
N ALA A 537 -3.49 -1.87 34.57
CA ALA A 537 -2.52 -2.04 33.47
C ALA A 537 -2.59 -0.89 32.49
N ALA A 538 -2.81 0.33 32.99
CA ALA A 538 -2.98 1.51 32.16
C ALA A 538 -1.70 2.35 32.07
N LYS A 539 -0.54 1.72 32.09
CA LYS A 539 0.72 2.43 31.98
C LYS A 539 1.44 2.18 30.66
N SER A 540 1.32 0.99 30.08
CA SER A 540 2.01 0.67 28.84
C SER A 540 1.27 -0.46 28.14
N PHE A 541 1.59 -0.63 26.85
CA PHE A 541 0.99 -1.71 26.09
C PHE A 541 1.48 -3.07 26.57
N SER A 542 2.75 -3.16 26.98
CA SER A 542 3.28 -4.42 27.50
C SER A 542 2.55 -4.83 28.77
N HIS A 543 2.28 -3.88 29.66
CA HIS A 543 1.56 -4.21 30.89
C HIS A 543 0.15 -4.69 30.58
N SER A 544 -0.53 -4.02 29.64
CA SER A 544 -1.88 -4.45 29.27
C SER A 544 -1.85 -5.85 28.65
N PHE A 545 -0.86 -6.13 27.80
CA PHE A 545 -0.73 -7.46 27.22
C PHE A 545 -0.54 -8.51 28.30
N SER A 546 0.38 -8.25 29.23
CA SER A 546 0.65 -9.22 30.28
C SER A 546 -0.59 -9.46 31.12
N ALA A 547 -1.30 -8.39 31.48
CA ALA A 547 -2.50 -8.55 32.32
C ALA A 547 -3.60 -9.29 31.57
N LEU A 548 -3.78 -8.99 30.28
CA LEU A 548 -4.81 -9.68 29.50
C LEU A 548 -4.50 -11.15 29.38
N ALA A 549 -3.25 -11.49 29.01
CA ALA A 549 -2.89 -12.88 28.84
C ALA A 549 -2.96 -13.65 30.15
N LYS A 550 -2.47 -13.04 31.25
CA LYS A 550 -2.44 -13.75 32.52
C LYS A 550 -3.83 -14.14 32.98
N PHE A 551 -4.81 -13.24 32.82
CA PHE A 551 -6.17 -13.50 33.27
C PHE A 551 -7.08 -13.87 32.10
N HIS A 552 -6.52 -14.57 31.10
CA HIS A 552 -7.28 -14.92 29.91
C HIS A 552 -8.41 -15.88 30.25
N GLU A 553 -8.19 -16.78 31.22
CA GLU A 553 -9.22 -17.73 31.60
C GLU A 553 -10.45 -17.01 32.13
N VAL A 554 -10.23 -15.96 32.94
CA VAL A 554 -11.34 -15.17 33.45
C VAL A 554 -12.13 -14.54 32.31
N PHE A 555 -11.42 -14.00 31.31
CA PHE A 555 -12.09 -13.41 30.16
C PHE A 555 -12.93 -14.44 29.43
N LYS A 556 -12.36 -15.63 29.18
CA LYS A 556 -13.12 -16.66 28.48
C LYS A 556 -14.35 -17.07 29.26
N THR A 557 -14.22 -17.21 30.58
CA THR A 557 -15.36 -17.60 31.41
C THR A 557 -16.45 -16.53 31.39
N LEU A 558 -16.04 -15.25 31.46
CA LEU A 558 -17.00 -14.15 31.50
C LEU A 558 -17.47 -13.72 30.11
N ALA A 559 -16.76 -14.12 29.06
CA ALA A 559 -17.10 -13.76 27.69
C ALA A 559 -17.55 -14.97 26.87
N GLU A 560 -18.23 -15.92 27.51
CA GLU A 560 -18.67 -17.11 26.80
C GLU A 560 -19.68 -16.77 25.72
N SER A 561 -20.63 -15.90 26.03
CA SER A 561 -21.70 -15.56 25.10
C SER A 561 -21.32 -14.35 24.26
N ASP A 562 -22.11 -14.10 23.22
CA ASP A 562 -21.88 -12.93 22.37
C ASP A 562 -22.09 -11.64 23.16
N GLU A 563 -23.13 -11.61 24.00
CA GLU A 563 -23.37 -10.41 24.81
C GLU A 563 -22.19 -10.12 25.71
N GLY A 564 -21.57 -11.16 26.27
CA GLY A 564 -20.39 -10.94 27.09
C GLY A 564 -19.26 -10.30 26.32
N LYS A 565 -19.02 -10.76 25.09
CA LYS A 565 -17.95 -10.17 24.28
C LYS A 565 -18.26 -8.72 23.93
N LEU A 566 -19.51 -8.44 23.56
CA LEU A 566 -19.90 -7.06 23.26
C LEU A 566 -19.73 -6.17 24.48
N HIS A 567 -20.10 -6.67 25.67
CA HIS A 567 -19.95 -5.89 26.88
C HIS A 567 -18.48 -5.66 27.22
N VAL A 568 -17.63 -6.67 27.00
CA VAL A 568 -16.20 -6.48 27.22
C VAL A 568 -15.67 -5.39 26.32
N LEU A 569 -16.07 -5.41 25.04
CA LEU A 569 -15.62 -4.36 24.12
C LEU A 569 -16.13 -2.99 24.56
N ARG A 570 -17.40 -2.91 24.98
CA ARG A 570 -17.96 -1.63 25.40
C ARG A 570 -17.22 -1.10 26.63
N VAL A 571 -16.91 -1.96 27.59
CA VAL A 571 -16.22 -1.53 28.80
C VAL A 571 -14.80 -1.10 28.47
N MET A 572 -14.13 -1.83 27.57
CA MET A 572 -12.79 -1.43 27.16
C MET A 572 -12.82 -0.06 26.49
N PHE A 573 -13.83 0.19 25.65
CA PHE A 573 -13.96 1.50 25.04
C PHE A 573 -14.21 2.57 26.07
N GLU A 574 -15.07 2.29 27.07
CA GLU A 574 -15.34 3.27 28.10
C GLU A 574 -14.08 3.62 28.88
N VAL A 575 -13.28 2.61 29.23
CA VAL A 575 -12.05 2.88 29.97
C VAL A 575 -11.07 3.66 29.11
N TRP A 576 -10.89 3.25 27.86
CA TRP A 576 -9.93 3.86 26.94
C TRP A 576 -10.72 4.44 25.78
N ARG A 577 -11.12 5.70 25.90
CA ARG A 577 -11.74 6.42 24.81
C ARG A 577 -10.93 7.62 24.35
N ASN A 578 -10.03 8.13 25.18
CA ASN A 578 -9.11 9.18 24.79
C ASN A 578 -7.79 8.65 24.25
N HIS A 579 -7.66 7.32 24.13
CA HIS A 579 -6.45 6.69 23.61
C HIS A 579 -6.86 5.67 22.55
N PRO A 580 -7.25 6.13 21.37
CA PRO A 580 -7.69 5.19 20.33
C PRO A 580 -6.65 4.15 19.94
N GLN A 581 -5.36 4.50 20.01
CA GLN A 581 -4.35 3.50 19.72
C GLN A 581 -4.42 2.34 20.71
N MET A 582 -4.66 2.65 21.98
CA MET A 582 -4.86 1.59 22.97
C MET A 582 -6.08 0.75 22.62
N ILE A 583 -7.17 1.39 22.18
CA ILE A 583 -8.35 0.64 21.79
C ILE A 583 -7.99 -0.36 20.69
N ALA A 584 -7.30 0.11 19.65
CA ALA A 584 -6.98 -0.74 18.53
C ALA A 584 -6.08 -1.90 18.95
N VAL A 585 -5.06 -1.60 19.75
CA VAL A 585 -4.13 -2.65 20.18
C VAL A 585 -4.83 -3.67 21.06
N LEU A 586 -5.68 -3.22 21.99
CA LEU A 586 -6.40 -4.13 22.85
C LEU A 586 -7.37 -5.00 22.05
N VAL A 587 -8.06 -4.42 21.08
CA VAL A 587 -8.96 -5.22 20.26
C VAL A 587 -8.18 -6.26 19.48
N ASP A 588 -7.03 -5.87 18.92
CA ASP A 588 -6.20 -6.81 18.20
C ASP A 588 -5.82 -7.98 19.09
N LYS A 589 -5.33 -7.69 20.30
CA LYS A 589 -4.89 -8.76 21.19
C LYS A 589 -6.07 -9.63 21.63
N MET A 590 -7.22 -9.02 21.89
CA MET A 590 -8.39 -9.81 22.29
C MET A 590 -8.82 -10.75 21.16
N ILE A 591 -8.80 -10.27 19.92
CA ILE A 591 -9.15 -11.13 18.79
C ILE A 591 -8.15 -12.28 18.66
N ARG A 592 -6.85 -11.97 18.75
CA ARG A 592 -5.85 -13.02 18.59
C ARG A 592 -5.97 -14.07 19.69
N THR A 593 -6.22 -13.63 20.93
CA THR A 593 -6.34 -14.55 22.04
C THR A 593 -7.67 -15.29 22.04
N GLN A 594 -8.59 -14.92 21.15
CA GLN A 594 -9.92 -15.54 21.04
C GLN A 594 -10.86 -15.13 22.16
N ILE A 595 -10.54 -14.04 22.87
CA ILE A 595 -11.47 -13.52 23.86
C ILE A 595 -12.76 -13.07 23.21
N VAL A 596 -12.65 -12.34 22.09
CA VAL A 596 -13.79 -11.86 21.33
C VAL A 596 -13.57 -12.21 19.87
N ASP A 597 -14.62 -12.71 19.21
CA ASP A 597 -14.53 -13.05 17.81
C ASP A 597 -14.53 -11.79 16.95
N CYS A 598 -14.38 -11.98 15.64
CA CYS A 598 -14.44 -10.84 14.73
C CYS A 598 -15.86 -10.32 14.59
N ALA A 599 -16.85 -11.20 14.70
CA ALA A 599 -18.24 -10.75 14.65
C ALA A 599 -18.54 -9.81 15.80
N ALA A 600 -18.03 -10.10 16.99
CA ALA A 600 -18.25 -9.23 18.14
C ALA A 600 -17.68 -7.84 17.90
N VAL A 601 -16.46 -7.78 17.35
CA VAL A 601 -15.85 -6.49 17.07
C VAL A 601 -16.65 -5.74 16.00
N ALA A 602 -17.08 -6.46 14.95
CA ALA A 602 -17.84 -5.81 13.89
C ALA A 602 -19.13 -5.22 14.43
N ASN A 603 -19.83 -5.98 15.28
CA ASN A 603 -21.05 -5.44 15.89
C ASN A 603 -20.74 -4.28 16.83
N TRP A 604 -19.62 -4.33 17.53
CA TRP A 604 -19.25 -3.23 18.42
C TRP A 604 -18.96 -1.95 17.64
N ILE A 605 -18.41 -2.07 16.44
CA ILE A 605 -18.09 -0.88 15.65
C ILE A 605 -19.36 -0.12 15.28
N PHE A 606 -20.44 -0.82 14.99
CA PHE A 606 -21.72 -0.20 14.68
C PHE A 606 -22.62 -0.07 15.90
N SER A 607 -22.08 -0.25 17.10
CA SER A 607 -22.87 -0.12 18.31
C SER A 607 -23.19 1.34 18.58
N SER A 608 -24.27 1.56 19.35
CA SER A 608 -24.68 2.92 19.66
C SER A 608 -23.60 3.68 20.41
N GLU A 609 -22.77 2.98 21.18
CA GLU A 609 -21.74 3.66 21.96
C GLU A 609 -20.73 4.38 21.08
N LEU A 610 -20.49 3.86 19.87
CA LEU A 610 -19.50 4.42 18.96
C LEU A 610 -20.11 5.32 17.91
N SER A 611 -21.35 5.77 18.11
CA SER A 611 -21.99 6.64 17.13
C SER A 611 -21.23 7.96 17.01
N ARG A 612 -20.76 8.50 18.13
CA ARG A 612 -20.01 9.76 18.10
C ARG A 612 -18.67 9.58 17.40
N ASP A 613 -18.00 8.45 17.63
CA ASP A 613 -16.70 8.17 17.03
C ASP A 613 -16.80 7.36 15.75
N PHE A 614 -18.01 7.22 15.18
CA PHE A 614 -18.18 6.39 14.00
C PHE A 614 -17.37 6.92 12.82
N THR A 615 -17.21 8.23 12.71
CA THR A 615 -16.54 8.83 11.57
C THR A 615 -15.04 9.01 11.77
N ARG A 616 -14.49 8.54 12.88
CA ARG A 616 -13.06 8.68 13.11
C ARG A 616 -12.29 7.59 12.36
N LEU A 617 -11.00 7.83 12.16
CA LEU A 617 -10.18 6.93 11.36
C LEU A 617 -9.82 5.66 12.14
N PHE A 618 -9.64 5.77 13.45
CA PHE A 618 -9.21 4.60 14.20
C PHE A 618 -10.26 3.50 14.20
N VAL A 619 -11.54 3.86 14.17
CA VAL A 619 -12.60 2.85 14.14
C VAL A 619 -12.47 1.99 12.89
N TRP A 620 -12.27 2.63 11.74
CA TRP A 620 -12.18 1.89 10.49
C TRP A 620 -10.83 1.19 10.35
N GLU A 621 -9.77 1.75 10.94
CA GLU A 621 -8.52 1.00 11.02
C GLU A 621 -8.73 -0.29 11.80
N ILE A 622 -9.47 -0.23 12.91
CA ILE A 622 -9.73 -1.43 13.70
C ILE A 622 -10.54 -2.43 12.88
N LEU A 623 -11.59 -1.96 12.20
CA LEU A 623 -12.41 -2.88 11.42
C LEU A 623 -11.59 -3.56 10.33
N HIS A 624 -10.78 -2.79 9.61
CA HIS A 624 -9.98 -3.35 8.53
C HIS A 624 -8.92 -4.29 9.08
N SER A 625 -8.36 -3.98 10.26
CA SER A 625 -7.39 -4.88 10.87
C SER A 625 -8.04 -6.22 11.25
N THR A 626 -9.28 -6.17 11.77
CA THR A 626 -9.96 -7.42 12.07
C THR A 626 -10.23 -8.23 10.82
N ILE A 627 -10.67 -7.56 9.74
CA ILE A 627 -10.91 -8.29 8.49
C ILE A 627 -9.62 -8.89 7.97
N ARG A 628 -8.51 -8.15 8.08
CA ARG A 628 -7.23 -8.67 7.63
C ARG A 628 -6.79 -9.86 8.47
N LYS A 629 -7.05 -9.81 9.78
CA LYS A 629 -6.74 -10.96 10.63
C LYS A 629 -7.52 -12.19 10.19
N MET A 630 -8.81 -12.02 9.91
CA MET A 630 -9.60 -13.15 9.45
C MET A 630 -9.07 -13.70 8.13
N ASN A 631 -8.75 -12.80 7.19
CA ASN A 631 -8.25 -13.24 5.90
C ASN A 631 -6.94 -14.00 6.04
N LYS A 632 -6.03 -13.49 6.88
CA LYS A 632 -4.75 -14.16 7.08
C LYS A 632 -4.95 -15.51 7.75
N HIS A 633 -5.88 -15.63 8.70
CA HIS A 633 -6.16 -16.91 9.31
C HIS A 633 -6.66 -17.92 8.28
N VAL A 634 -7.58 -17.49 7.42
CA VAL A 634 -8.10 -18.39 6.40
C VAL A 634 -6.99 -18.83 5.45
N LEU A 635 -6.15 -17.88 5.03
CA LEU A 635 -5.05 -18.21 4.13
C LEU A 635 -4.08 -19.18 4.80
N LYS A 636 -3.79 -18.98 6.09
CA LYS A 636 -2.87 -19.86 6.79
C LYS A 636 -3.42 -21.28 6.85
N ILE A 637 -4.70 -21.43 7.20
CA ILE A 637 -5.25 -22.77 7.29
C ILE A 637 -5.29 -23.43 5.91
N GLN A 638 -5.59 -22.64 4.88
CA GLN A 638 -5.59 -23.18 3.53
C GLN A 638 -4.19 -23.64 3.13
N LYS A 639 -3.16 -22.87 3.48
CA LYS A 639 -1.80 -23.26 3.14
C LYS A 639 -1.40 -24.53 3.87
N GLU A 640 -1.78 -24.67 5.15
CA GLU A 640 -1.51 -25.90 5.87
C GLU A 640 -2.19 -27.09 5.20
N LEU A 641 -3.46 -26.93 4.81
CA LEU A 641 -4.15 -28.03 4.14
C LEU A 641 -3.47 -28.38 2.82
N GLU A 642 -3.06 -27.37 2.05
CA GLU A 642 -2.39 -27.63 0.78
C GLU A 642 -1.07 -28.36 1.00
N GLU A 643 -0.30 -27.95 2.00
CA GLU A 643 0.97 -28.62 2.28
C GLU A 643 0.75 -30.07 2.68
N ALA A 644 -0.26 -30.32 3.53
CA ALA A 644 -0.56 -31.69 3.92
C ALA A 644 -0.97 -32.53 2.71
N LYS A 645 -1.81 -31.98 1.83
CA LYS A 645 -2.22 -32.72 0.65
C LYS A 645 -1.04 -33.01 -0.26
N GLU A 646 -0.16 -32.03 -0.44
CA GLU A 646 1.01 -32.23 -1.29
C GLU A 646 1.92 -33.31 -0.73
N LYS A 647 2.15 -33.30 0.59
CA LYS A 647 3.00 -34.34 1.17
C LYS A 647 2.33 -35.71 1.08
N LEU A 648 1.01 -35.77 1.21
CA LEU A 648 0.30 -37.02 1.02
C LEU A 648 0.50 -37.55 -0.39
N ALA A 649 0.36 -36.67 -1.38
CA ALA A 649 0.55 -37.08 -2.77
C ALA A 649 1.98 -37.56 -3.01
N ARG A 650 2.96 -36.84 -2.46
CA ARG A 650 4.36 -37.25 -2.62
C ARG A 650 4.58 -38.63 -2.03
N GLN A 651 4.08 -38.85 -0.81
CA GLN A 651 4.27 -40.15 -0.17
C GLN A 651 3.57 -41.25 -0.96
N HIS A 652 2.36 -40.99 -1.44
CA HIS A 652 1.63 -42.00 -2.20
C HIS A 652 2.38 -42.37 -3.47
N LYS A 653 2.87 -41.38 -4.20
CA LYS A 653 3.58 -41.67 -5.44
C LYS A 653 4.89 -42.40 -5.17
N ARG A 654 5.62 -42.02 -4.12
CA ARG A 654 6.86 -42.70 -3.81
C ARG A 654 6.60 -44.16 -3.41
N ARG A 655 5.53 -44.40 -2.63
CA ARG A 655 5.22 -45.77 -2.24
C ARG A 655 4.78 -46.61 -3.45
N SER A 656 3.98 -46.03 -4.34
CA SER A 656 3.53 -46.77 -5.52
C SER A 656 4.67 -47.03 -6.49
N ASP A 657 5.66 -46.14 -6.54
CA ASP A 657 6.78 -46.32 -7.47
C ASP A 657 7.55 -47.58 -7.15
N ASP A 658 7.80 -47.85 -5.86
CA ASP A 658 8.55 -49.03 -5.46
C ASP A 658 7.77 -50.31 -5.77
N GLY A 668 -3.32 -44.12 7.14
CA GLY A 668 -4.68 -43.96 7.60
C GLY A 668 -4.87 -42.71 8.45
N VAL A 669 -3.96 -42.49 9.39
CA VAL A 669 -4.03 -41.31 10.24
C VAL A 669 -3.87 -40.04 9.40
N LEU A 670 -3.07 -40.11 8.34
CA LEU A 670 -2.87 -38.94 7.48
C LEU A 670 -4.17 -38.51 6.82
N GLU A 671 -4.99 -39.47 6.38
CA GLU A 671 -6.28 -39.13 5.80
C GLU A 671 -7.18 -38.47 6.83
N GLU A 672 -7.15 -38.96 8.08
CA GLU A 672 -7.92 -38.32 9.14
C GLU A 672 -7.47 -36.89 9.37
N GLN A 673 -6.14 -36.66 9.37
CA GLN A 673 -5.63 -35.30 9.53
C GLN A 673 -6.07 -34.41 8.38
N ILE A 674 -6.06 -34.94 7.15
CA ILE A 674 -6.49 -34.17 5.99
C ILE A 674 -7.96 -33.80 6.12
N GLU A 675 -8.80 -34.74 6.56
CA GLU A 675 -10.21 -34.44 6.72
C GLU A 675 -10.42 -33.40 7.83
N ARG A 676 -9.65 -33.50 8.91
CA ARG A 676 -9.76 -32.50 9.97
C ARG A 676 -9.37 -31.12 9.46
N LEU A 677 -8.30 -31.04 8.66
CA LEU A 677 -7.89 -29.75 8.10
C LEU A 677 -8.95 -29.21 7.14
N GLN A 678 -9.57 -30.09 6.36
CA GLN A 678 -10.66 -29.65 5.50
C GLN A 678 -11.81 -29.08 6.33
N GLU A 679 -12.14 -29.75 7.44
CA GLU A 679 -13.19 -29.22 8.31
C GLU A 679 -12.81 -27.85 8.86
N LYS A 680 -11.56 -27.70 9.28
CA LYS A 680 -11.13 -26.42 9.85
C LYS A 680 -11.16 -25.30 8.82
N VAL A 681 -10.74 -25.60 7.58
CA VAL A 681 -10.78 -24.57 6.54
C VAL A 681 -12.22 -24.23 6.18
N GLU A 682 -13.11 -25.22 6.16
CA GLU A 682 -14.51 -24.93 5.89
C GLU A 682 -15.08 -24.03 6.97
N SER A 683 -14.75 -24.31 8.24
CA SER A 683 -15.22 -23.45 9.32
C SER A 683 -14.67 -22.04 9.19
N ALA A 684 -13.38 -21.91 8.83
CA ALA A 684 -12.78 -20.59 8.68
C ALA A 684 -13.46 -19.80 7.55
N GLN A 685 -13.72 -20.46 6.42
CA GLN A 685 -14.41 -19.79 5.32
C GLN A 685 -15.81 -19.35 5.74
N SER A 686 -16.51 -20.21 6.48
CA SER A 686 -17.83 -19.83 6.98
C SER A 686 -17.74 -18.62 7.90
N GLU A 687 -16.72 -18.58 8.75
CA GLU A 687 -16.55 -17.44 9.64
C GLU A 687 -16.29 -16.15 8.85
N GLN A 688 -15.46 -16.24 7.81
CA GLN A 688 -15.22 -15.07 6.97
C GLN A 688 -16.50 -14.60 6.30
N LYS A 689 -17.28 -15.54 5.76
CA LYS A 689 -18.56 -15.19 5.14
C LYS A 689 -19.46 -14.50 6.14
N ASN A 690 -19.54 -15.03 7.36
CA ASN A 690 -20.39 -14.43 8.38
C ASN A 690 -19.93 -13.02 8.73
N LEU A 691 -18.62 -12.83 8.84
CA LEU A 691 -18.10 -11.50 9.16
C LEU A 691 -18.52 -10.50 8.10
N PHE A 692 -18.29 -10.83 6.82
CA PHE A 692 -18.63 -9.89 5.76
C PHE A 692 -20.14 -9.66 5.68
N LEU A 693 -20.93 -10.73 5.84
CA LEU A 693 -22.38 -10.59 5.83
C LEU A 693 -22.84 -9.65 6.95
N VAL A 694 -22.28 -9.81 8.15
CA VAL A 694 -22.66 -8.94 9.26
C VAL A 694 -22.29 -7.50 8.97
N ILE A 695 -21.08 -7.27 8.45
CA ILE A 695 -20.65 -5.90 8.18
C ILE A 695 -21.58 -5.25 7.17
N PHE A 696 -21.90 -5.95 6.08
CA PHE A 696 -22.77 -5.38 5.07
C PHE A 696 -24.17 -5.15 5.61
N GLN A 697 -24.67 -6.07 6.44
CA GLN A 697 -26.00 -5.89 7.03
C GLN A 697 -26.05 -4.64 7.90
N ARG A 698 -25.02 -4.43 8.73
CA ARG A 698 -25.02 -3.25 9.59
C ARG A 698 -24.89 -1.97 8.76
N PHE A 699 -24.04 -1.98 7.74
CA PHE A 699 -23.93 -0.81 6.87
C PHE A 699 -25.27 -0.50 6.22
N ILE A 700 -25.95 -1.52 5.71
CA ILE A 700 -27.24 -1.32 5.07
C ILE A 700 -28.22 -0.74 6.08
N MET A 701 -28.26 -1.29 7.29
CA MET A 701 -29.21 -0.81 8.29
C MET A 701 -28.96 0.65 8.63
N ILE A 702 -27.71 1.02 8.88
CA ILE A 702 -27.41 2.40 9.27
C ILE A 702 -27.75 3.35 8.12
N LEU A 703 -27.38 2.98 6.90
CA LEU A 703 -27.61 3.88 5.77
C LEU A 703 -29.09 4.02 5.47
N THR A 704 -29.85 2.92 5.52
CA THR A 704 -31.28 3.01 5.25
C THR A 704 -32.00 3.76 6.35
N GLU A 705 -31.55 3.63 7.60
CA GLU A 705 -32.11 4.43 8.68
C GLU A 705 -31.90 5.91 8.42
N HIS A 706 -30.68 6.29 8.03
CA HIS A 706 -30.43 7.70 7.72
C HIS A 706 -31.29 8.17 6.56
N LEU A 707 -31.41 7.36 5.51
CA LEU A 707 -32.16 7.78 4.35
C LEU A 707 -33.64 7.95 4.67
N VAL A 708 -34.21 7.03 5.46
CA VAL A 708 -35.62 7.15 5.84
C VAL A 708 -35.82 8.38 6.71
N ARG A 709 -34.89 8.62 7.65
CA ARG A 709 -35.01 9.81 8.50
C ARG A 709 -34.96 11.07 7.66
N CYS A 710 -34.05 11.14 6.68
CA CYS A 710 -33.97 12.32 5.83
C CYS A 710 -35.22 12.49 4.99
N GLU A 711 -35.77 11.39 4.48
CA GLU A 711 -36.99 11.47 3.69
C GLU A 711 -38.15 12.01 4.52
N THR A 712 -38.32 11.50 5.75
CA THR A 712 -39.44 11.93 6.56
C THR A 712 -39.25 13.36 7.06
N ASP A 713 -38.00 13.75 7.35
CA ASP A 713 -37.74 15.08 7.86
C ASP A 713 -37.64 16.14 6.78
N GLY A 714 -37.61 15.74 5.50
CA GLY A 714 -37.50 16.72 4.44
C GLY A 714 -36.23 17.53 4.50
N THR A 715 -35.10 16.89 4.78
CA THR A 715 -33.81 17.54 4.88
C THR A 715 -32.87 17.00 3.80
N SER A 716 -31.70 17.62 3.70
CA SER A 716 -30.70 17.18 2.74
C SER A 716 -30.16 15.81 3.13
N VAL A 717 -29.85 15.00 2.11
CA VAL A 717 -29.31 13.66 2.33
C VAL A 717 -27.79 13.62 2.25
N LEU A 718 -27.17 14.58 1.55
CA LEU A 718 -25.71 14.61 1.41
C LEU A 718 -25.15 15.42 2.56
N THR A 719 -24.69 14.73 3.60
CA THR A 719 -24.10 15.32 4.79
C THR A 719 -22.78 14.62 5.07
N PRO A 720 -21.91 15.23 5.88
CA PRO A 720 -20.61 14.58 6.13
C PRO A 720 -20.74 13.17 6.68
N TRP A 721 -21.74 12.91 7.53
CA TRP A 721 -21.92 11.56 8.05
C TRP A 721 -22.25 10.59 6.93
N TYR A 722 -23.19 10.95 6.05
CA TYR A 722 -23.55 10.06 4.95
C TYR A 722 -22.38 9.85 4.02
N LYS A 723 -21.65 10.92 3.70
CA LYS A 723 -20.50 10.78 2.82
C LYS A 723 -19.50 9.80 3.42
N ASN A 724 -19.19 9.97 4.70
CA ASN A 724 -18.23 9.08 5.36
C ASN A 724 -18.72 7.64 5.33
N CYS A 725 -19.99 7.42 5.66
CA CYS A 725 -20.49 6.05 5.76
C CYS A 725 -20.50 5.36 4.40
N ILE A 726 -20.97 6.07 3.37
CA ILE A 726 -21.02 5.46 2.04
C ILE A 726 -19.61 5.23 1.50
N GLU A 727 -18.69 6.16 1.77
CA GLU A 727 -17.32 5.97 1.32
C GLU A 727 -16.65 4.82 2.07
N ARG A 728 -17.07 4.56 3.32
CA ARG A 728 -16.50 3.43 4.04
C ARG A 728 -17.05 2.10 3.52
N LEU A 729 -18.34 2.07 3.17
CA LEU A 729 -18.87 0.89 2.47
C LEU A 729 -18.10 0.64 1.18
N GLN A 730 -17.87 1.71 0.41
CA GLN A 730 -17.08 1.58 -0.80
C GLN A 730 -15.67 1.10 -0.48
N GLN A 731 -15.10 1.56 0.63
CA GLN A 731 -13.75 1.16 1.01
C GLN A 731 -13.68 -0.33 1.30
N ILE A 732 -14.67 -0.85 2.04
CA ILE A 732 -14.71 -2.29 2.31
C ILE A 732 -14.78 -3.05 0.98
N PHE A 733 -15.71 -2.65 0.10
CA PHE A 733 -15.85 -3.35 -1.17
C PHE A 733 -14.54 -3.32 -1.95
N LEU A 734 -13.92 -2.15 -2.04
CA LEU A 734 -12.71 -1.99 -2.85
C LEU A 734 -11.56 -2.80 -2.28
N GLN A 735 -11.35 -2.75 -0.96
CA GLN A 735 -10.23 -3.46 -0.36
C GLN A 735 -10.40 -4.96 -0.47
N HIS A 736 -11.62 -5.48 -0.30
CA HIS A 736 -11.85 -6.91 -0.23
C HIS A 736 -12.68 -7.44 -1.40
N HIS A 737 -12.57 -6.81 -2.57
CA HIS A 737 -13.19 -7.37 -3.76
C HIS A 737 -12.73 -8.80 -4.02
N GLN A 738 -11.44 -9.08 -3.83
CA GLN A 738 -10.92 -10.40 -4.12
C GLN A 738 -11.64 -11.49 -3.34
N ILE A 739 -12.14 -11.18 -2.14
CA ILE A 739 -12.84 -12.15 -1.33
C ILE A 739 -14.36 -12.02 -1.45
N ILE A 740 -14.87 -10.83 -1.82
CA ILE A 740 -16.31 -10.66 -1.97
C ILE A 740 -16.81 -11.20 -3.29
N GLN A 741 -15.93 -11.37 -4.28
CA GLN A 741 -16.36 -12.01 -5.53
C GLN A 741 -16.90 -13.40 -5.28
N GLN A 742 -16.50 -14.05 -4.19
CA GLN A 742 -17.04 -15.37 -3.87
C GLN A 742 -18.46 -15.26 -3.32
N TYR A 743 -18.70 -14.30 -2.43
CA TYR A 743 -20.01 -14.13 -1.82
C TYR A 743 -20.99 -13.40 -2.71
N MET A 744 -20.53 -12.91 -3.87
CA MET A 744 -21.38 -12.19 -4.82
C MET A 744 -22.81 -12.71 -4.88
N VAL A 745 -22.97 -14.03 -4.97
CA VAL A 745 -24.31 -14.60 -5.17
C VAL A 745 -25.19 -14.33 -3.95
N THR A 746 -24.68 -14.66 -2.76
CA THR A 746 -25.49 -14.46 -1.56
C THR A 746 -25.71 -12.98 -1.27
N LEU A 747 -24.71 -12.15 -1.57
CA LEU A 747 -24.89 -10.71 -1.42
C LEU A 747 -26.02 -10.21 -2.30
N GLU A 748 -26.04 -10.63 -3.56
CA GLU A 748 -27.11 -10.22 -4.46
C GLU A 748 -28.47 -10.73 -3.98
N ASN A 749 -28.51 -11.97 -3.51
CA ASN A 749 -29.80 -12.58 -3.18
C ASN A 749 -30.38 -12.08 -1.86
N LEU A 750 -29.54 -11.74 -0.88
CA LEU A 750 -30.02 -11.47 0.48
C LEU A 750 -29.92 -10.01 0.87
N LEU A 751 -28.74 -9.40 0.81
CA LEU A 751 -28.61 -8.01 1.26
C LEU A 751 -29.01 -7.05 0.16
N PHE A 752 -28.30 -7.06 -0.96
CA PHE A 752 -28.45 -6.07 -2.02
C PHE A 752 -29.46 -6.60 -3.03
N THR A 753 -30.71 -6.16 -2.89
CA THR A 753 -31.80 -6.59 -3.74
C THR A 753 -32.42 -5.38 -4.41
N ALA A 754 -33.40 -5.61 -5.28
CA ALA A 754 -34.08 -4.51 -5.96
C ALA A 754 -34.79 -3.61 -4.96
N GLU A 755 -35.42 -4.21 -3.94
CA GLU A 755 -36.16 -3.42 -2.96
C GLU A 755 -35.27 -2.51 -2.14
N LEU A 756 -33.95 -2.72 -2.15
CA LEU A 756 -33.04 -1.86 -1.41
C LEU A 756 -33.07 -0.45 -1.97
N ASP A 757 -32.77 0.52 -1.11
CA ASP A 757 -32.74 1.91 -1.54
C ASP A 757 -31.72 2.07 -2.66
N PRO A 758 -32.04 2.84 -3.71
CA PRO A 758 -31.08 2.98 -4.82
C PRO A 758 -29.73 3.55 -4.38
N HIS A 759 -29.71 4.42 -3.38
CA HIS A 759 -28.46 5.01 -2.93
C HIS A 759 -27.49 3.94 -2.46
N ILE A 760 -27.95 3.03 -1.60
CA ILE A 760 -27.08 1.98 -1.09
C ILE A 760 -26.77 0.96 -2.17
N LEU A 761 -27.79 0.57 -2.97
CA LEU A 761 -27.58 -0.39 -4.03
C LEU A 761 -26.60 0.11 -5.08
N ALA A 762 -26.40 1.42 -5.17
CA ALA A 762 -25.46 1.96 -6.15
C ALA A 762 -24.05 1.48 -5.87
N VAL A 763 -23.66 1.40 -4.60
CA VAL A 763 -22.32 0.93 -4.27
C VAL A 763 -22.13 -0.52 -4.72
N PHE A 764 -23.13 -1.36 -4.48
CA PHE A 764 -23.03 -2.75 -4.91
C PHE A 764 -22.99 -2.85 -6.43
N GLN A 765 -23.79 -2.04 -7.12
CA GLN A 765 -23.77 -2.08 -8.58
C GLN A 765 -22.42 -1.64 -9.14
N GLN A 766 -21.82 -0.61 -8.53
CA GLN A 766 -20.50 -0.17 -8.96
C GLN A 766 -19.46 -1.26 -8.71
N PHE A 767 -19.54 -1.93 -7.56
CA PHE A 767 -18.65 -3.06 -7.32
C PHE A 767 -18.84 -4.14 -8.37
N CYS A 768 -20.09 -4.43 -8.71
CA CYS A 768 -20.36 -5.44 -9.74
C CYS A 768 -19.71 -5.05 -11.06
N ALA A 769 -19.90 -3.80 -11.49
CA ALA A 769 -19.34 -3.36 -12.76
C ALA A 769 -17.83 -3.23 -12.71
N LEU A 770 -17.24 -3.19 -11.51
CA LEU A 770 -15.80 -3.03 -11.40
C LEU A 770 -15.06 -4.15 -12.11
N GLN A 771 -15.56 -5.38 -12.03
CA GLN A 771 -14.95 -6.55 -12.65
C GLN A 771 -15.98 -7.33 -13.46
N ALA A 772 -16.72 -6.62 -14.30
CA ALA A 772 -17.72 -7.25 -15.15
C ALA A 772 -17.99 -6.39 -16.37
N GLY B 6 15.16 -15.94 -17.66
CA GLY B 6 14.21 -15.94 -16.56
C GLY B 6 13.80 -14.54 -16.16
N LEU B 7 14.25 -14.11 -14.98
CA LEU B 7 13.95 -12.77 -14.47
C LEU B 7 15.25 -11.98 -14.38
N LEU B 8 15.16 -10.69 -14.70
CA LEU B 8 16.33 -9.83 -14.67
C LEU B 8 16.89 -9.73 -13.26
N LYS B 9 18.22 -9.87 -13.16
CA LYS B 9 18.86 -9.84 -11.85
C LYS B 9 18.94 -8.43 -11.29
N ALA B 10 19.00 -7.41 -12.16
CA ALA B 10 19.04 -6.04 -11.67
C ALA B 10 17.78 -5.68 -10.90
N LEU B 11 16.62 -6.09 -11.41
CA LEU B 11 15.37 -5.82 -10.71
C LEU B 11 15.29 -6.57 -9.39
N ARG B 12 15.75 -7.83 -9.37
CA ARG B 12 15.67 -8.64 -8.17
C ARG B 12 16.55 -8.10 -7.05
N SER B 13 17.49 -7.20 -7.37
CA SER B 13 18.38 -6.68 -6.34
C SER B 13 17.59 -5.92 -5.28
N ASP B 14 17.98 -6.12 -4.02
CA ASP B 14 17.37 -5.43 -2.87
C ASP B 14 18.47 -5.22 -1.84
N SER B 15 19.08 -4.03 -1.87
CA SER B 15 20.22 -3.74 -1.03
C SER B 15 19.82 -3.31 0.38
N TYR B 16 18.56 -3.03 0.62
CA TYR B 16 18.10 -2.58 1.92
C TYR B 16 17.71 -3.73 2.85
N VAL B 17 17.68 -4.97 2.35
CA VAL B 17 17.27 -6.13 3.10
C VAL B 17 18.44 -7.09 3.33
N GLU B 18 19.57 -6.86 2.69
CA GLU B 18 20.70 -7.75 2.80
C GLU B 18 21.22 -7.81 4.23
N LEU B 19 21.73 -8.97 4.62
CA LEU B 19 22.25 -9.16 5.96
C LEU B 19 23.41 -8.22 6.21
N SER B 20 23.44 -7.65 7.41
CA SER B 20 24.51 -6.72 7.79
C SER B 20 25.74 -7.50 8.26
N GLN B 21 26.84 -6.79 8.45
CA GLN B 21 28.08 -7.39 8.91
C GLN B 21 28.08 -7.69 10.40
N TYR B 22 27.06 -7.26 11.13
CA TYR B 22 26.95 -7.51 12.56
C TYR B 22 26.51 -8.94 12.79
N ARG B 23 27.17 -9.62 13.73
CA ARG B 23 26.81 -10.96 14.15
C ARG B 23 26.76 -11.01 15.66
N ASP B 24 25.81 -11.81 16.18
CA ASP B 24 25.64 -11.90 17.62
C ASP B 24 26.91 -12.45 18.28
N GLN B 25 27.30 -11.82 19.38
CA GLN B 25 28.50 -12.22 20.10
C GLN B 25 28.23 -13.28 21.17
N HIS B 26 27.00 -13.34 21.68
CA HIS B 26 26.65 -14.27 22.75
C HIS B 26 25.86 -15.48 22.23
N PHE B 27 25.79 -15.68 20.92
CA PHE B 27 25.05 -16.80 20.37
C PHE B 27 25.82 -18.09 20.56
N ARG B 28 25.12 -19.14 20.99
CA ARG B 28 25.71 -20.47 21.15
C ARG B 28 25.50 -21.23 19.84
N GLY B 29 26.48 -21.14 18.94
CA GLY B 29 26.40 -21.81 17.67
C GLY B 29 27.38 -21.22 16.69
N ASP B 30 27.41 -21.82 15.51
CA ASP B 30 28.30 -21.38 14.44
C ASP B 30 27.60 -20.33 13.57
N ASN B 31 28.33 -19.82 12.58
CA ASN B 31 27.78 -18.79 11.70
C ASN B 31 26.77 -19.36 10.72
N GLU B 32 26.93 -20.63 10.33
CA GLU B 32 26.00 -21.23 9.38
C GLU B 32 24.59 -21.28 9.97
N GLU B 33 24.46 -21.74 11.21
CA GLU B 33 23.15 -21.78 11.85
C GLU B 33 22.60 -20.38 12.09
N GLN B 34 23.46 -19.42 12.44
CA GLN B 34 23.01 -18.05 12.63
C GLN B 34 22.42 -17.50 11.33
N GLU B 35 23.11 -17.73 10.21
CA GLU B 35 22.59 -17.27 8.93
C GLU B 35 21.30 -17.99 8.57
N LYS B 36 21.21 -19.28 8.88
CA LYS B 36 19.96 -20.00 8.62
C LYS B 36 18.81 -19.40 9.40
N LEU B 37 19.04 -19.04 10.66
CA LEU B 37 18.00 -18.39 11.46
C LEU B 37 17.66 -17.02 10.88
N LEU B 38 18.67 -16.25 10.48
CA LEU B 38 18.43 -14.91 9.97
C LEU B 38 17.61 -14.95 8.67
N LYS B 39 17.88 -15.92 7.81
CA LYS B 39 17.21 -15.97 6.52
C LYS B 39 15.71 -16.17 6.65
N LYS B 40 15.23 -16.67 7.77
CA LYS B 40 13.79 -16.91 7.99
C LYS B 40 13.25 -16.15 9.19
N SER B 41 14.05 -15.31 9.83
CA SER B 41 13.61 -14.59 11.02
C SER B 41 12.63 -13.49 10.65
N CYS B 42 11.73 -13.19 11.59
CA CYS B 42 10.79 -12.09 11.44
C CYS B 42 10.99 -11.02 12.50
N THR B 43 12.08 -11.09 13.26
CA THR B 43 12.37 -10.13 14.32
C THR B 43 13.42 -9.16 13.84
N LEU B 44 13.24 -7.89 14.17
CA LEU B 44 14.12 -6.81 13.73
C LEU B 44 14.62 -6.05 14.94
N TYR B 45 15.91 -5.74 14.96
CA TYR B 45 16.49 -4.89 15.99
C TYR B 45 16.41 -3.44 15.53
N VAL B 46 15.77 -2.60 16.32
CA VAL B 46 15.65 -1.17 16.05
C VAL B 46 16.57 -0.45 17.02
N GLY B 47 17.51 0.34 16.50
CA GLY B 47 18.48 1.01 17.31
C GLY B 47 18.59 2.48 16.92
N ASN B 48 19.30 3.22 17.78
CA ASN B 48 19.41 4.68 17.68
C ASN B 48 18.15 5.37 18.15
N LEU B 49 17.32 4.67 18.94
CA LEU B 49 16.16 5.29 19.54
C LEU B 49 16.60 6.31 20.59
N SER B 50 15.63 7.00 21.16
CA SER B 50 15.88 7.90 22.29
C SER B 50 15.44 7.22 23.58
N PHE B 51 16.12 7.57 24.67
CA PHE B 51 15.75 7.00 25.96
C PHE B 51 14.29 7.29 26.29
N TYR B 52 13.76 8.39 25.78
CA TYR B 52 12.39 8.80 26.07
C TYR B 52 11.39 8.32 25.04
N THR B 53 11.83 7.53 24.06
CA THR B 53 10.93 7.02 23.03
C THR B 53 10.12 5.88 23.63
N THR B 54 8.81 6.08 23.74
CA THR B 54 7.95 5.10 24.39
C THR B 54 7.61 3.97 23.42
N GLU B 55 6.95 2.94 23.97
CA GLU B 55 6.59 1.78 23.16
C GLU B 55 5.50 2.11 22.15
N GLU B 56 4.60 3.04 22.49
CA GLU B 56 3.47 3.33 21.61
C GLU B 56 3.93 3.93 20.29
N GLN B 57 4.91 4.84 20.33
CA GLN B 57 5.38 5.47 19.10
C GLN B 57 6.01 4.44 18.17
N ILE B 58 6.82 3.54 18.72
CA ILE B 58 7.41 2.48 17.91
C ILE B 58 6.32 1.58 17.36
N TYR B 59 5.33 1.23 18.19
CA TYR B 59 4.24 0.41 17.72
C TYR B 59 3.57 1.05 16.52
N GLU B 60 3.28 2.35 16.59
CA GLU B 60 2.66 3.03 15.47
C GLU B 60 3.55 2.99 14.24
N LEU B 61 4.82 3.40 14.39
CA LEU B 61 5.69 3.53 13.24
C LEU B 61 5.89 2.21 12.53
N PHE B 62 6.02 1.12 13.28
CA PHE B 62 6.30 -0.18 12.67
C PHE B 62 5.05 -0.99 12.34
N SER B 63 3.91 -0.66 12.93
CA SER B 63 2.65 -1.21 12.45
C SER B 63 2.19 -0.53 11.18
N LYS B 64 2.73 0.66 10.90
CA LYS B 64 2.50 1.29 9.60
C LYS B 64 3.09 0.50 8.45
N SER B 65 3.95 -0.49 8.73
CA SER B 65 4.58 -1.32 7.70
C SER B 65 4.17 -2.79 7.83
N GLY B 66 3.06 -3.08 8.50
CA GLY B 66 2.61 -4.46 8.66
C GLY B 66 2.25 -4.81 10.09
N ASP B 67 1.46 -5.86 10.27
CA ASP B 67 1.05 -6.26 11.61
C ASP B 67 2.25 -6.69 12.44
N ILE B 68 2.23 -6.33 13.72
CA ILE B 68 3.32 -6.62 14.65
C ILE B 68 2.89 -7.74 15.59
N LYS B 69 3.78 -8.70 15.80
CA LYS B 69 3.49 -9.76 16.77
C LYS B 69 3.86 -9.32 18.18
N LYS B 70 5.01 -8.69 18.35
CA LYS B 70 5.44 -8.28 19.67
C LYS B 70 6.46 -7.15 19.56
N ILE B 71 6.63 -6.42 20.65
CA ILE B 71 7.67 -5.41 20.76
C ILE B 71 8.31 -5.55 22.13
N ILE B 72 9.64 -5.57 22.17
CA ILE B 72 10.40 -5.71 23.41
C ILE B 72 11.31 -4.50 23.52
N MET B 73 11.07 -3.66 24.52
CA MET B 73 11.88 -2.47 24.71
C MET B 73 13.25 -2.86 25.26
N GLY B 74 14.24 -2.04 24.98
CA GLY B 74 15.59 -2.28 25.45
C GLY B 74 15.83 -1.70 26.83
N LEU B 75 15.75 -2.54 27.86
CA LEU B 75 15.94 -2.10 29.23
C LEU B 75 17.41 -2.04 29.58
N ASP B 76 17.71 -1.34 30.67
CA ASP B 76 19.07 -1.28 31.19
C ASP B 76 19.36 -2.54 32.01
N LYS B 77 20.65 -2.89 32.07
CA LYS B 77 21.05 -4.11 32.78
C LYS B 77 20.75 -4.01 34.26
N MET B 78 20.98 -2.86 34.87
CA MET B 78 20.82 -2.68 36.32
C MET B 78 19.63 -1.79 36.65
N LYS B 79 19.61 -0.56 36.12
CA LYS B 79 18.53 0.37 36.46
C LYS B 79 17.19 -0.06 35.88
N LYS B 80 17.18 -0.92 34.86
CA LYS B 80 15.94 -1.40 34.25
C LYS B 80 15.13 -0.23 33.69
N THR B 81 15.77 0.55 32.83
CA THR B 81 15.14 1.66 32.15
C THR B 81 15.47 1.59 30.66
N ALA B 82 14.66 2.28 29.86
CA ALA B 82 14.86 2.26 28.42
C ALA B 82 16.29 2.69 28.07
N CYS B 83 16.91 1.93 27.18
CA CYS B 83 18.32 2.13 26.84
C CYS B 83 18.54 2.67 25.43
N GLY B 84 17.52 2.71 24.59
CA GLY B 84 17.66 3.25 23.26
C GLY B 84 17.75 2.19 22.18
N PHE B 85 17.04 1.08 22.38
CA PHE B 85 16.95 0.04 21.37
C PHE B 85 15.75 -0.83 21.70
N CYS B 86 15.34 -1.64 20.73
CA CYS B 86 14.17 -2.49 20.92
C CYS B 86 14.16 -3.58 19.85
N PHE B 87 13.24 -4.51 20.01
CA PHE B 87 13.03 -5.61 19.07
C PHE B 87 11.58 -5.59 18.62
N VAL B 88 11.37 -5.58 17.32
CA VAL B 88 10.03 -5.63 16.73
C VAL B 88 9.89 -6.96 16.03
N GLU B 89 9.00 -7.81 16.54
CA GLU B 89 8.76 -9.13 15.98
C GLU B 89 7.46 -9.11 15.21
N TYR B 90 7.53 -9.45 13.92
CA TYR B 90 6.39 -9.43 13.03
C TYR B 90 5.78 -10.83 12.94
N TYR B 91 4.67 -10.93 12.20
CA TYR B 91 4.00 -12.21 11.98
C TYR B 91 4.50 -12.92 10.73
N SER B 92 5.03 -12.18 9.77
CA SER B 92 5.50 -12.74 8.51
C SER B 92 6.82 -12.08 8.13
N ARG B 93 7.57 -12.76 7.26
CA ARG B 93 8.83 -12.21 6.78
C ARG B 93 8.61 -11.03 5.85
N ALA B 94 7.49 -11.00 5.13
CA ALA B 94 7.25 -9.90 4.19
C ALA B 94 7.14 -8.57 4.92
N ASP B 95 6.43 -8.55 6.05
CA ASP B 95 6.30 -7.30 6.82
C ASP B 95 7.66 -6.84 7.34
N ALA B 96 8.49 -7.77 7.82
CA ALA B 96 9.81 -7.39 8.30
C ALA B 96 10.67 -6.86 7.17
N GLU B 97 10.59 -7.48 6.00
CA GLU B 97 11.33 -6.98 4.85
C GLU B 97 10.89 -5.58 4.48
N ASN B 98 9.57 -5.33 4.49
CA ASN B 98 9.08 -3.99 4.20
C ASN B 98 9.56 -2.98 5.24
N ALA B 99 9.57 -3.37 6.51
CA ALA B 99 10.07 -2.47 7.55
C ALA B 99 11.53 -2.14 7.32
N MET B 100 12.35 -3.13 6.96
CA MET B 100 13.74 -2.85 6.64
C MET B 100 13.86 -1.95 5.42
N ARG B 101 13.04 -2.17 4.41
CA ARG B 101 13.13 -1.39 3.19
C ARG B 101 12.79 0.07 3.42
N TYR B 102 11.75 0.33 4.22
CA TYR B 102 11.16 1.66 4.31
C TYR B 102 11.31 2.31 5.69
N ILE B 103 11.02 1.59 6.77
CA ILE B 103 11.13 2.18 8.09
C ILE B 103 12.58 2.49 8.42
N ASN B 104 13.51 1.64 7.96
CA ASN B 104 14.92 1.89 8.17
C ASN B 104 15.30 3.25 7.56
N GLY B 105 16.01 4.05 8.35
CA GLY B 105 16.41 5.37 7.91
C GLY B 105 15.38 6.45 8.17
N THR B 106 14.14 6.09 8.47
CA THR B 106 13.13 7.06 8.81
C THR B 106 13.35 7.59 10.22
N ARG B 107 12.89 8.81 10.45
CA ARG B 107 13.04 9.44 11.77
C ARG B 107 11.91 9.01 12.70
N LEU B 108 12.26 8.85 13.97
CA LEU B 108 11.28 8.58 15.01
C LEU B 108 11.67 9.43 16.22
N ASP B 109 10.91 10.49 16.47
CA ASP B 109 11.21 11.41 17.57
C ASP B 109 12.48 12.20 17.29
N ASP B 110 12.69 12.54 16.02
CA ASP B 110 13.83 13.35 15.58
C ASP B 110 15.15 12.60 15.78
N ARG B 111 15.13 11.31 15.43
CA ARG B 111 16.33 10.49 15.48
C ARG B 111 16.28 9.49 14.33
N ILE B 112 17.43 9.27 13.71
CA ILE B 112 17.52 8.37 12.57
C ILE B 112 17.55 6.93 13.08
N ILE B 113 16.49 6.17 12.78
CA ILE B 113 16.31 4.82 13.30
C ILE B 113 17.03 3.84 12.38
N ARG B 114 17.90 3.02 12.96
CA ARG B 114 18.62 1.99 12.23
C ARG B 114 17.96 0.64 12.51
N THR B 115 17.49 -0.02 11.46
CA THR B 115 16.79 -1.29 11.58
C THR B 115 17.65 -2.39 10.98
N ASP B 116 17.76 -3.51 11.69
CA ASP B 116 18.61 -4.62 11.27
C ASP B 116 17.91 -5.94 11.53
N TRP B 117 18.37 -6.99 10.85
CA TRP B 117 17.81 -8.31 11.04
C TRP B 117 18.28 -8.91 12.37
N ASP B 118 17.49 -9.87 12.88
CA ASP B 118 17.79 -10.54 14.14
C ASP B 118 17.58 -12.03 14.00
N ALA B 119 18.26 -12.78 14.88
CA ALA B 119 18.10 -14.23 14.97
C ALA B 119 16.99 -14.63 15.93
N GLY B 120 16.05 -13.74 16.20
CA GLY B 120 15.01 -13.99 17.18
C GLY B 120 15.35 -13.39 18.53
N PHE B 121 14.42 -13.58 19.47
CA PHE B 121 14.56 -13.06 20.83
C PHE B 121 14.67 -14.21 21.82
N LYS B 122 15.66 -14.12 22.71
CA LYS B 122 15.80 -15.05 23.82
C LYS B 122 16.01 -14.24 25.09
N GLU B 123 15.53 -14.78 26.21
CA GLU B 123 15.59 -14.07 27.47
C GLU B 123 17.02 -13.63 27.78
N GLY B 124 17.17 -12.38 28.20
CA GLY B 124 18.47 -11.81 28.48
C GLY B 124 19.04 -10.96 27.37
N ARG B 125 18.39 -10.95 26.19
CA ARG B 125 18.86 -10.15 25.07
C ARG B 125 18.35 -8.71 25.12
N GLN B 126 17.43 -8.40 26.04
CA GLN B 126 16.85 -7.06 26.11
C GLN B 126 17.70 -6.10 26.92
N TYR B 127 18.79 -6.55 27.51
CA TYR B 127 19.65 -5.71 28.33
C TYR B 127 20.93 -5.37 27.57
N GLY B 128 21.35 -4.11 27.66
CA GLY B 128 22.57 -3.71 26.98
C GLY B 128 23.77 -4.48 27.50
N ARG B 129 24.61 -4.93 26.58
CA ARG B 129 25.82 -5.66 26.94
C ARG B 129 26.89 -4.77 27.55
N GLY B 130 26.71 -3.45 27.52
CA GLY B 130 27.71 -2.57 28.10
C GLY B 130 27.90 -2.82 29.58
N ARG B 131 29.14 -2.69 30.02
CA ARG B 131 29.48 -2.95 31.41
C ARG B 131 28.91 -1.93 32.37
N SER B 132 28.55 -0.74 31.89
CA SER B 132 27.96 0.29 32.73
C SER B 132 26.45 0.20 32.81
N GLY B 133 25.85 -0.82 32.18
CA GLY B 133 24.41 -0.99 32.15
C GLY B 133 23.77 -0.54 30.85
N GLY B 134 24.41 0.38 30.14
CA GLY B 134 23.89 0.88 28.88
C GLY B 134 24.38 0.07 27.70
N GLN B 135 24.12 0.59 26.50
CA GLN B 135 24.58 -0.05 25.28
C GLN B 135 26.08 0.15 25.11
N VAL B 136 26.69 -0.75 24.33
CA VAL B 136 28.13 -0.67 24.11
C VAL B 136 28.48 0.63 23.39
N ARG B 137 27.70 1.00 22.38
CA ARG B 137 27.97 2.24 21.65
C ARG B 137 27.85 3.44 22.58
N ASP B 138 26.86 3.42 23.48
CA ASP B 138 26.74 4.50 24.45
C ASP B 138 27.97 4.56 25.36
N GLU B 139 28.48 3.40 25.77
CA GLU B 139 29.66 3.37 26.61
C GLU B 139 30.88 3.91 25.87
N TYR B 140 30.98 3.66 24.56
CA TYR B 140 32.15 4.06 23.80
C TYR B 140 32.03 5.45 23.21
N ARG B 141 30.83 5.92 22.91
CA ARG B 141 30.66 7.23 22.29
C ARG B 141 31.08 8.34 23.24
N GLN B 142 31.46 9.48 22.66
CA GLN B 142 31.92 10.63 23.42
C GLN B 142 31.14 11.90 23.15
N ASP B 143 30.30 11.92 22.12
CA ASP B 143 29.56 13.13 21.76
C ASP B 143 28.30 13.25 22.62
N TYR B 144 27.92 14.50 22.89
CA TYR B 144 26.73 14.78 23.68
C TYR B 144 25.49 14.49 22.85
N ASP B 145 24.71 13.50 23.27
CA ASP B 145 23.42 13.20 22.67
C ASP B 145 22.36 13.26 23.76
N ALA B 146 21.55 14.32 23.75
CA ALA B 146 20.56 14.50 24.80
C ALA B 146 19.57 13.35 24.84
N GLY B 147 19.13 12.88 23.67
CA GLY B 147 18.19 11.77 23.62
C GLY B 147 18.75 10.48 24.18
N ARG B 148 20.08 10.37 24.28
CA ARG B 148 20.74 9.19 24.83
C ARG B 148 21.27 9.45 26.23
N GLY B 149 20.56 10.22 27.03
CA GLY B 149 20.96 10.50 28.41
C GLY B 149 21.93 11.66 28.55
N GLY B 150 22.94 11.70 27.70
CA GLY B 150 23.92 12.76 27.74
C GLY B 150 25.27 12.33 27.20
N TYR B 151 26.34 12.66 27.92
CA TYR B 151 27.67 12.24 27.50
C TYR B 151 27.82 10.73 27.68
N GLY B 152 28.78 10.18 26.96
CA GLY B 152 29.03 8.74 27.06
C GLY B 152 29.49 8.35 28.45
N LYS B 153 29.23 7.10 28.81
CA LYS B 153 29.57 6.63 30.14
C LYS B 153 31.06 6.77 30.42
N LEU B 154 31.90 6.74 29.38
CA LEU B 154 33.33 6.88 29.58
C LEU B 154 33.69 8.28 30.07
N ALA B 155 32.98 9.31 29.61
CA ALA B 155 33.33 10.67 29.96
C ALA B 155 33.24 10.91 31.47
N GLN B 156 32.10 10.56 32.06
CA GLN B 156 31.93 10.80 33.49
C GLN B 156 32.72 9.78 34.31
N ASN B 157 32.77 8.54 33.87
CA ASN B 157 33.48 7.49 34.59
C ASN B 157 33.64 6.24 33.73
N GLU C 12 25.80 10.11 6.46
CA GLU C 12 24.61 10.36 5.67
C GLU C 12 23.62 11.21 6.44
N ASP C 13 23.94 12.49 6.60
CA ASP C 13 23.08 13.44 7.30
C ASP C 13 22.34 14.28 6.26
N ASP C 14 21.02 14.36 6.39
CA ASP C 14 20.19 15.16 5.48
C ASP C 14 19.91 16.54 6.02
N SER C 15 20.86 17.11 6.76
CA SER C 15 20.66 18.44 7.35
C SER C 15 20.33 19.47 6.28
N GLU C 16 20.83 19.27 5.05
CA GLU C 16 20.52 20.20 3.97
C GLU C 16 19.02 20.23 3.69
N LEU C 17 18.40 19.07 3.62
CA LEU C 17 16.96 19.00 3.39
C LEU C 17 16.19 19.63 4.55
N GLN C 18 16.64 19.36 5.78
CA GLN C 18 15.97 19.94 6.94
C GLN C 18 16.03 21.45 6.90
N ARG C 19 17.20 22.00 6.56
CA ARG C 19 17.35 23.45 6.47
C ARG C 19 16.47 24.01 5.35
N ALA C 20 16.40 23.30 4.23
CA ALA C 20 15.54 23.75 3.13
C ALA C 20 14.08 23.81 3.58
N TRP C 21 13.62 22.77 4.26
CA TRP C 21 12.23 22.74 4.73
C TRP C 21 11.98 23.85 5.75
N GLY C 22 12.93 24.06 6.67
CA GLY C 22 12.77 25.10 7.65
C GLY C 22 12.69 26.47 7.02
N ALA C 23 13.58 26.75 6.06
CA ALA C 23 13.55 28.03 5.37
C ALA C 23 12.26 28.19 4.58
N LEU C 24 11.78 27.12 3.94
CA LEU C 24 10.53 27.19 3.19
C LEU C 24 9.36 27.56 4.10
N ILE C 25 9.25 26.88 5.24
CA ILE C 25 8.14 27.17 6.15
C ILE C 25 8.28 28.56 6.76
N LYS C 26 9.52 28.98 7.05
CA LYS C 26 9.73 30.33 7.56
C LYS C 26 9.29 31.37 6.54
N GLU C 27 9.63 31.15 5.26
CA GLU C 27 9.21 32.08 4.22
C GLU C 27 7.69 32.10 4.10
N LYS C 28 7.04 30.93 4.20
CA LYS C 28 5.58 30.88 4.15
C LYS C 28 4.98 31.69 5.29
N GLU C 29 5.50 31.49 6.51
CA GLU C 29 4.97 32.22 7.66
C GLU C 29 5.19 33.72 7.51
N GLN C 30 6.37 34.12 7.04
CA GLN C 30 6.64 35.55 6.86
C GLN C 30 5.73 36.16 5.80
N SER C 31 5.50 35.43 4.71
CA SER C 31 4.60 35.94 3.67
C SER C 31 3.19 36.09 4.22
N ARG C 32 2.72 35.12 5.00
CA ARG C 32 1.39 35.25 5.61
C ARG C 32 1.35 36.46 6.54
N GLN C 33 2.39 36.64 7.36
CA GLN C 33 2.40 37.77 8.29
C GLN C 33 2.35 39.10 7.55
N LYS C 34 3.12 39.23 6.47
CA LYS C 34 3.13 40.45 5.68
C LYS C 34 1.85 40.60 4.88
PA GTG D . 24.41 -3.62 22.93
O1A GTG D . 24.69 -3.93 24.35
O2A GTG D . 23.91 -2.28 22.56
O3A GTG D . 25.76 -3.90 22.10
PB GTG D . 26.12 -5.36 21.53
O1B GTG D . 25.59 -5.49 20.15
O2B GTG D . 25.75 -6.36 22.55
O3B GTG D . 27.72 -5.30 21.44
N9A GTG D . 22.20 -5.54 18.94
C8A GTG D . 23.00 -4.48 19.00
N7A GTG D . 23.26 -4.09 17.76
C7X GTG D . 24.12 -2.94 17.41
C5A GTG D . 22.61 -4.90 16.93
C6A GTG D . 22.54 -4.93 15.59
O6A GTG D . 23.14 -4.11 14.91
N1A GTG D . 21.77 -5.92 14.97
C2A GTG D . 21.10 -6.84 15.77
N2A GTG D . 20.35 -7.79 15.20
N3A GTG D . 21.20 -6.76 17.09
C4A GTG D . 21.95 -5.80 17.66
O5D GTG D . 23.39 -4.71 22.35
C5D GTG D . 22.37 -5.25 23.19
C4D GTG D . 21.36 -6.09 22.42
O4D GTG D . 21.11 -5.41 21.15
C3D GTG D . 21.89 -7.46 22.01
O3D GTG D . 20.83 -8.29 21.55
C2D GTG D . 22.75 -7.06 20.85
O2D GTG D . 23.23 -8.18 20.10
C1D GTG D . 21.67 -6.29 20.10
PG GTG D . 28.42 -4.57 20.20
O1G GTG D . 28.03 -5.27 18.96
O2G GTG D . 28.19 -3.11 20.32
O5E GTG D . 29.98 -4.87 20.47
C5E GTG D . 30.97 -4.19 19.69
C4E GTG D . 32.35 -4.83 19.96
O4E GTG D . 33.37 -3.95 19.36
C3E GTG D . 32.70 -4.85 21.44
O3E GTG D . 33.86 -5.68 21.66
C2E GTG D . 33.08 -3.40 21.62
O2E GTG D . 33.67 -3.14 22.90
C1E GTG D . 34.10 -3.34 20.50
N9B GTG D . 34.62 -1.97 20.24
C8B GTG D . 35.91 -1.67 20.16
N7B GTG D . 36.00 -0.36 19.92
C5B GTG D . 34.77 0.14 19.85
C6B GTG D . 34.34 1.38 19.64
O6B GTG D . 35.14 2.30 19.47
N1B GTG D . 32.96 1.63 19.62
C2B GTG D . 32.09 0.57 19.82
N2B GTG D . 30.77 0.77 19.81
N3B GTG D . 32.58 -0.66 20.03
C4B GTG D . 33.91 -0.86 20.05
#